data_8YZJ
#
_entry.id   8YZJ
#
loop_
_entity.id
_entity.type
_entity.pdbx_description
1 polymer 'Angiotensin-converting enzyme 2'
2 polymer 'Spike protein S1'
#
loop_
_entity_poly.entity_id
_entity_poly.type
_entity_poly.pdbx_seq_one_letter_code
_entity_poly.pdbx_strand_id
1 'polypeptide(L)'
;MSSSSWLLLSLVAVTAAQSTIEEQAKTFLDKFNHEAEDLFYQSSLASWNYNTNITEENVQNMNNAGDKWSAFLKEQSTLA
QMYPLQEIQNLTVKLQLQALQQNGSSVLSEDKSKRLNTILNTMSTIYSTGKVCNPDNPQECLLLEPGLNEIMANSLDYNE
RLWAWESWRSEVGKQLRPLYEEYVVLKNEMARANHYEDYGDYWRGDYEVNGVDGYDYSRGQLIEDVEHTFEEIKPLYEHL
HAYVRAKLMNAYPSYISPIGCLPAHLLGDMWGRFWTNLYSLTVPFGQKPNIDVTDAMVDQAWDAQRIFKEAEKFFVSVGL
PNMTQGFWENSMLTDPGNVQKAVCHPTAWDLGKGDFRILMCTKVTMDDFLTAHHEMGHIQYDMAYAAQPFLLRNGANEGF
HEAVGEIMSLSAATPKHLKSIGLLSPDFQEDNETEINFLLKQALTIVGTLPFTYMLEKWRWMVFKGEIPKDQWMKKWWEM
KREIVGVVEPVPHDETYCDPASLFHVSNDYSFIRYYTRTLYQFQFQEALCQAAKHEGPLHKCDISNSTEAGQKLFNMLRL
GKSEPWTLALENVVGAKNMNVRPLLNYFEPLFTWLKDQNKNSFVGWSTDWSPYADQSIKVRISLKSALGDKAYEWNDNEM
YLFRSSVAYAMRQYFLKVKNQMILFGEEDVRVANLKPRISFNFFVTAPKNVSDIIPRTEVEKAIRMSRSRINDAFRLNDN
SLEFLGIQPTLGPPNQPPVSIWLIVFGVVMGVIVVGIVILIFTGIRDRKKKNKARSGENPYASIDISKGENNPGFQNTDD
VQTSF
;
A
2 'polypeptide(L)'
;RVQPTESIVRFPNITNLCPFGEVFNATTFASVYAWNRKRISNCVADYSVLYNSTSFSTFKCYGVSPTKLNDLCFTNVYAD
SFVVRGDEVRQIAPGQTGKIADYNYKLPDDFTGCVIAWNSNNLDSKVGGNYNYLYRLFRKSNLKPFERDISTEIYQAGST
PCNGVEGFNCYFPLQSYGFHPTNGVGYQPYRVVVLSFELLNAPATVCGPKKSTNLIKNKCVNF
;
B
#
# COMPACT_ATOMS: atom_id res chain seq x y z
N SER A 19 0.88 10.67 -37.53
CA SER A 19 0.88 9.59 -36.56
C SER A 19 -0.40 9.61 -35.73
N THR A 20 -0.96 8.43 -35.49
CA THR A 20 -2.18 8.33 -34.70
C THR A 20 -1.94 8.79 -33.28
N ILE A 21 -3.01 9.12 -32.56
CA ILE A 21 -2.87 9.70 -31.23
C ILE A 21 -2.53 8.48 -30.38
N GLU A 22 -2.68 7.28 -30.94
CA GLU A 22 -2.22 6.09 -30.22
C GLU A 22 -0.76 6.20 -29.69
N GLU A 23 0.18 6.28 -30.63
CA GLU A 23 1.57 6.47 -30.26
C GLU A 23 2.02 7.78 -29.59
N GLN A 24 1.37 8.89 -29.93
CA GLN A 24 1.66 10.15 -29.26
C GLN A 24 1.41 10.05 -27.76
N ALA A 25 0.25 9.49 -27.39
CA ALA A 25 -0.05 9.31 -25.98
C ALA A 25 0.94 8.39 -25.27
N LYS A 26 1.34 7.31 -25.92
CA LYS A 26 2.32 6.43 -25.28
C LYS A 26 3.69 7.09 -25.06
N THR A 27 4.13 7.89 -26.03
CA THR A 27 5.35 8.66 -25.84
C THR A 27 5.21 9.60 -24.65
N PHE A 28 4.07 10.28 -24.56
CA PHE A 28 3.82 11.18 -23.45
C PHE A 28 3.91 10.44 -22.13
N LEU A 29 3.31 9.25 -22.07
CA LEU A 29 3.30 8.49 -20.82
C LEU A 29 4.70 8.01 -20.47
N ASP A 30 5.49 7.64 -21.47
CA ASP A 30 6.84 7.15 -21.18
C ASP A 30 7.71 8.26 -20.59
N LYS A 31 7.70 9.42 -21.24
CA LYS A 31 8.42 10.57 -20.68
C LYS A 31 7.90 10.90 -19.28
N PHE A 32 6.59 10.85 -19.08
CA PHE A 32 6.05 11.18 -17.77
C PHE A 32 6.54 10.24 -16.70
N ASN A 33 6.55 8.94 -16.98
CA ASN A 33 7.02 7.99 -15.98
C ASN A 33 8.47 8.26 -15.62
N HIS A 34 9.32 8.39 -16.64
CA HIS A 34 10.75 8.57 -16.39
C HIS A 34 11.03 9.89 -15.68
N GLU A 35 10.14 10.88 -15.80
CA GLU A 35 10.39 12.15 -15.13
C GLU A 35 9.73 12.21 -13.76
N ALA A 36 8.72 11.37 -13.52
CA ALA A 36 7.97 11.49 -12.27
C ALA A 36 8.59 10.64 -11.16
N GLU A 37 9.24 9.53 -11.52
CA GLU A 37 9.85 8.68 -10.51
C GLU A 37 10.76 9.48 -9.57
N ASP A 38 11.56 10.39 -10.12
CA ASP A 38 12.57 11.08 -9.33
C ASP A 38 11.95 12.05 -8.34
N LEU A 39 10.99 12.86 -8.80
CA LEU A 39 10.36 13.80 -7.88
C LEU A 39 9.61 13.06 -6.78
N PHE A 40 8.99 11.93 -7.13
CA PHE A 40 8.39 11.09 -6.09
C PHE A 40 9.42 10.70 -5.04
N TYR A 41 10.59 10.22 -5.48
CA TYR A 41 11.60 9.77 -4.52
C TYR A 41 12.10 10.85 -3.58
N GLN A 42 12.35 12.05 -4.09
CA GLN A 42 12.82 13.14 -3.24
C GLN A 42 11.79 13.58 -2.21
N SER A 43 10.54 13.76 -2.66
CA SER A 43 9.48 14.13 -1.71
C SER A 43 9.36 13.03 -0.68
N SER A 44 9.51 11.78 -1.10
CA SER A 44 9.36 10.66 -0.18
C SER A 44 10.45 10.68 0.88
N LEU A 45 11.72 10.81 0.46
CA LEU A 45 12.79 10.81 1.44
C LEU A 45 12.70 12.02 2.37
N ALA A 46 12.22 13.15 1.84
CA ALA A 46 12.04 14.32 2.71
C ALA A 46 11.03 14.04 3.81
N SER A 47 9.85 13.51 3.44
CA SER A 47 8.82 13.24 4.45
C SER A 47 9.29 12.17 5.43
N TRP A 48 10.02 11.17 4.94
CA TRP A 48 10.57 10.17 5.85
C TRP A 48 11.46 10.82 6.91
N ASN A 49 12.45 11.59 6.48
CA ASN A 49 13.37 12.20 7.43
C ASN A 49 12.63 13.09 8.40
N TYR A 50 11.53 13.71 7.97
CA TYR A 50 10.71 14.46 8.91
C TYR A 50 10.09 13.54 9.96
N ASN A 51 9.55 12.41 9.52
CA ASN A 51 8.90 11.52 10.47
C ASN A 51 9.88 10.94 11.49
N THR A 52 11.09 10.60 11.05
CA THR A 52 12.01 9.94 11.98
C THR A 52 12.82 10.96 12.80
N ASN A 53 12.54 12.27 12.66
CA ASN A 53 13.26 13.35 13.38
C ASN A 53 12.44 14.60 13.22
N ILE A 54 11.73 15.02 14.26
CA ILE A 54 10.77 16.11 14.17
C ILE A 54 11.47 17.41 14.54
N THR A 55 11.37 18.40 13.65
CA THR A 55 12.02 19.70 13.79
C THR A 55 11.45 20.59 12.69
N GLU A 56 11.39 21.89 12.97
CA GLU A 56 10.75 22.81 12.04
C GLU A 56 11.47 22.86 10.69
N GLU A 57 12.80 22.69 10.71
CA GLU A 57 13.55 22.62 9.45
C GLU A 57 13.08 21.46 8.58
N ASN A 58 12.81 20.31 9.22
CA ASN A 58 12.38 19.14 8.44
C ASN A 58 10.96 19.33 7.92
N VAL A 59 10.10 20.01 8.68
CA VAL A 59 8.78 20.35 8.17
C VAL A 59 8.91 21.26 6.95
N GLN A 60 9.84 22.21 7.01
CA GLN A 60 10.12 23.06 5.86
C GLN A 60 10.51 22.23 4.64
N ASN A 61 11.52 21.37 4.80
CA ASN A 61 11.94 20.52 3.69
C ASN A 61 10.77 19.70 3.15
N MET A 62 9.96 19.15 4.06
CA MET A 62 8.89 18.24 3.65
C MET A 62 7.85 18.96 2.81
N ASN A 63 7.31 20.07 3.31
CA ASN A 63 6.23 20.69 2.55
C ASN A 63 6.76 21.34 1.28
N ASN A 64 8.03 21.77 1.27
CA ASN A 64 8.61 22.24 0.02
C ASN A 64 8.62 21.15 -1.03
N ALA A 65 9.24 20.01 -0.73
CA ALA A 65 9.28 18.92 -1.70
C ALA A 65 7.87 18.51 -2.11
N GLY A 66 6.94 18.52 -1.15
CA GLY A 66 5.59 18.10 -1.46
C GLY A 66 4.90 19.02 -2.45
N ASP A 67 5.01 20.33 -2.26
CA ASP A 67 4.30 21.22 -3.17
C ASP A 67 4.97 21.22 -4.53
N LYS A 68 6.29 20.97 -4.57
CA LYS A 68 6.93 20.72 -5.87
C LYS A 68 6.28 19.55 -6.59
N TRP A 69 6.12 18.42 -5.90
CA TRP A 69 5.52 17.25 -6.55
C TRP A 69 4.09 17.53 -6.99
N SER A 70 3.33 18.24 -6.17
CA SER A 70 1.94 18.54 -6.52
C SER A 70 1.87 19.43 -7.75
N ALA A 71 2.71 20.47 -7.82
CA ALA A 71 2.72 21.32 -9.00
C ALA A 71 3.08 20.52 -10.23
N PHE A 72 4.04 19.61 -10.10
CA PHE A 72 4.38 18.76 -11.22
C PHE A 72 3.17 17.99 -11.73
N LEU A 73 2.45 17.32 -10.83
CA LEU A 73 1.32 16.52 -11.28
C LEU A 73 0.21 17.37 -11.87
N LYS A 74 0.02 18.59 -11.35
CA LYS A 74 -1.01 19.47 -11.91
C LYS A 74 -0.68 19.86 -13.34
N GLU A 75 0.58 20.26 -13.60
CA GLU A 75 0.95 20.60 -14.96
C GLU A 75 0.87 19.38 -15.88
N GLN A 76 1.25 18.20 -15.38
CA GLN A 76 1.18 17.01 -16.20
C GLN A 76 -0.26 16.67 -16.57
N SER A 77 -1.18 16.81 -15.64
CA SER A 77 -2.59 16.54 -15.96
C SER A 77 -3.13 17.56 -16.95
N THR A 78 -2.84 18.84 -16.73
CA THR A 78 -3.39 19.86 -17.61
C THR A 78 -2.81 19.73 -19.02
N LEU A 79 -1.63 19.11 -19.12
CA LEU A 79 -1.10 18.78 -20.43
C LEU A 79 -1.69 17.49 -20.98
N ALA A 80 -2.10 16.58 -20.10
CA ALA A 80 -2.54 15.26 -20.56
C ALA A 80 -3.99 15.29 -21.03
N GLN A 81 -4.74 16.30 -20.62
CA GLN A 81 -6.16 16.33 -20.96
C GLN A 81 -6.40 16.35 -22.47
N MET A 82 -5.35 16.62 -23.25
CA MET A 82 -5.56 16.91 -24.68
C MET A 82 -5.96 15.67 -25.46
N TYR A 83 -5.22 14.58 -25.31
CA TYR A 83 -5.50 13.38 -26.08
C TYR A 83 -6.85 12.80 -25.69
N PRO A 84 -7.83 12.74 -26.60
CA PRO A 84 -9.14 12.18 -26.25
C PRO A 84 -9.12 10.65 -26.28
N LEU A 85 -9.69 10.04 -25.24
CA LEU A 85 -9.66 8.59 -25.12
C LEU A 85 -10.98 8.00 -25.64
N GLN A 86 -11.21 8.20 -26.94
CA GLN A 86 -12.21 7.47 -27.68
C GLN A 86 -11.53 6.89 -28.92
N GLU A 87 -10.21 7.04 -28.97
CA GLU A 87 -9.39 6.58 -30.07
C GLU A 87 -8.39 5.52 -29.65
N ILE A 88 -8.22 5.31 -28.35
CA ILE A 88 -7.24 4.37 -27.82
C ILE A 88 -7.93 3.04 -27.61
N GLN A 89 -7.28 1.97 -28.05
CA GLN A 89 -7.84 0.64 -27.91
C GLN A 89 -7.06 -0.18 -26.89
N ASN A 90 -5.77 0.05 -26.75
CA ASN A 90 -4.99 -0.63 -25.73
C ASN A 90 -5.54 -0.20 -24.40
N LEU A 91 -5.83 -1.14 -23.51
CA LEU A 91 -6.47 -0.79 -22.27
C LEU A 91 -5.52 -0.30 -21.20
N THR A 92 -4.28 -0.76 -21.19
CA THR A 92 -3.36 -0.18 -20.21
C THR A 92 -3.19 1.31 -20.45
N VAL A 93 -3.06 1.72 -21.71
CA VAL A 93 -2.93 3.14 -22.02
C VAL A 93 -4.16 3.90 -21.57
N LYS A 94 -5.34 3.30 -21.77
CA LYS A 94 -6.58 3.97 -21.37
C LYS A 94 -6.65 4.12 -19.86
N LEU A 95 -6.26 3.08 -19.12
CA LEU A 95 -6.24 3.18 -17.66
C LEU A 95 -5.32 4.30 -17.21
N GLN A 96 -4.11 4.35 -17.76
CA GLN A 96 -3.16 5.37 -17.33
C GLN A 96 -3.65 6.76 -17.67
N LEU A 97 -4.20 6.95 -18.87
CA LEU A 97 -4.65 8.29 -19.25
C LEU A 97 -5.86 8.72 -18.44
N GLN A 98 -6.75 7.79 -18.12
CA GLN A 98 -7.88 8.14 -17.28
C GLN A 98 -7.42 8.53 -15.88
N ALA A 99 -6.47 7.77 -15.32
CA ALA A 99 -5.92 8.13 -14.02
C ALA A 99 -5.33 9.52 -14.05
N LEU A 100 -4.59 9.84 -15.11
CA LEU A 100 -3.87 11.10 -15.13
C LEU A 100 -4.79 12.26 -15.49
N GLN A 101 -5.95 11.96 -16.08
CA GLN A 101 -6.82 13.02 -16.58
C GLN A 101 -7.68 13.63 -15.48
N GLN A 102 -7.83 12.93 -14.35
CA GLN A 102 -8.71 13.41 -13.28
C GLN A 102 -8.35 14.83 -12.88
N ASN A 103 -9.34 15.70 -12.91
CA ASN A 103 -9.07 17.09 -12.61
C ASN A 103 -8.83 17.34 -11.14
N GLY A 104 -9.69 16.82 -10.27
CA GLY A 104 -9.52 17.12 -8.85
C GLY A 104 -10.15 18.44 -8.49
N SER A 105 -9.86 18.90 -7.26
CA SER A 105 -10.45 20.12 -6.74
C SER A 105 -10.14 21.35 -7.59
N SER A 106 -9.28 21.21 -8.59
CA SER A 106 -9.02 22.32 -9.50
C SER A 106 -10.20 22.59 -10.41
N VAL A 107 -11.27 21.79 -10.31
CA VAL A 107 -12.43 22.00 -11.16
C VAL A 107 -13.10 23.33 -10.85
N LEU A 108 -13.46 23.55 -9.59
CA LEU A 108 -14.36 24.65 -9.26
C LEU A 108 -13.65 26.00 -9.30
N SER A 109 -14.41 27.05 -9.01
CA SER A 109 -13.89 28.40 -9.04
C SER A 109 -12.86 28.62 -7.94
N GLU A 110 -12.25 29.80 -7.94
CA GLU A 110 -11.17 30.08 -7.00
C GLU A 110 -11.69 30.20 -5.58
N ASP A 111 -12.77 30.96 -5.38
CA ASP A 111 -13.31 31.15 -4.03
C ASP A 111 -13.87 29.86 -3.47
N LYS A 112 -14.49 29.03 -4.33
CA LYS A 112 -15.04 27.77 -3.86
C LYS A 112 -13.94 26.84 -3.38
N SER A 113 -12.87 26.70 -4.16
CA SER A 113 -11.73 25.90 -3.72
C SER A 113 -11.13 26.47 -2.43
N LYS A 114 -10.97 27.79 -2.37
CA LYS A 114 -10.47 28.43 -1.14
C LYS A 114 -11.26 28.00 0.07
N ARG A 115 -12.57 28.27 0.07
CA ARG A 115 -13.38 28.03 1.25
C ARG A 115 -13.54 26.54 1.54
N LEU A 116 -13.54 25.70 0.50
CA LEU A 116 -13.69 24.26 0.73
C LEU A 116 -12.45 23.69 1.40
N ASN A 117 -11.27 24.07 0.92
CA ASN A 117 -10.05 23.63 1.60
C ASN A 117 -10.00 24.16 3.01
N THR A 118 -10.45 25.41 3.21
CA THR A 118 -10.47 25.97 4.56
C THR A 118 -11.41 25.17 5.47
N ILE A 119 -12.57 24.77 4.94
CA ILE A 119 -13.51 23.97 5.73
C ILE A 119 -12.89 22.65 6.13
N LEU A 120 -12.26 21.96 5.17
CA LEU A 120 -11.63 20.69 5.50
C LEU A 120 -10.58 20.87 6.59
N ASN A 121 -9.70 21.85 6.44
CA ASN A 121 -8.60 21.99 7.39
C ASN A 121 -9.11 22.38 8.77
N THR A 122 -10.13 23.25 8.82
CA THR A 122 -10.60 23.70 10.12
C THR A 122 -11.39 22.61 10.82
N MET A 123 -12.13 21.78 10.07
CA MET A 123 -12.84 20.67 10.72
C MET A 123 -11.86 19.65 11.26
N SER A 124 -10.82 19.32 10.49
CA SER A 124 -9.80 18.41 11.02
C SER A 124 -9.14 18.99 12.26
N THR A 125 -8.80 20.28 12.23
CA THR A 125 -8.12 20.89 13.36
C THR A 125 -9.00 20.91 14.60
N ILE A 126 -10.28 21.23 14.43
CA ILE A 126 -11.16 21.37 15.58
C ILE A 126 -11.49 20.01 16.17
N TYR A 127 -11.57 18.97 15.34
CA TYR A 127 -11.74 17.63 15.89
C TYR A 127 -10.48 17.18 16.62
N SER A 128 -9.31 17.60 16.15
CA SER A 128 -8.08 17.15 16.77
C SER A 128 -7.76 17.94 18.03
N THR A 129 -8.37 19.11 18.20
CA THR A 129 -8.16 19.92 19.39
C THR A 129 -9.35 20.00 20.32
N GLY A 130 -10.21 18.97 20.34
CA GLY A 130 -11.34 18.98 21.26
C GLY A 130 -10.90 19.08 22.71
N LYS A 131 -11.43 20.07 23.41
CA LYS A 131 -11.24 20.20 24.86
C LYS A 131 -12.60 20.08 25.51
N VAL A 132 -12.83 19.01 26.26
CA VAL A 132 -14.05 18.95 27.04
C VAL A 132 -13.70 19.04 28.52
N CYS A 133 -14.55 19.72 29.28
CA CYS A 133 -14.26 20.00 30.67
C CYS A 133 -15.41 19.53 31.54
N ASN A 134 -15.08 18.85 32.63
CA ASN A 134 -16.09 18.33 33.53
C ASN A 134 -16.58 19.41 34.48
N PRO A 135 -17.82 19.29 34.96
CA PRO A 135 -18.36 20.34 35.83
C PRO A 135 -17.87 20.30 37.27
N ASP A 136 -17.31 19.18 37.72
CA ASP A 136 -16.83 19.10 39.09
C ASP A 136 -15.40 19.67 39.22
N ASN A 137 -14.64 19.70 38.13
CA ASN A 137 -13.30 20.29 38.13
C ASN A 137 -13.16 21.20 36.92
N PRO A 138 -13.68 22.43 37.00
CA PRO A 138 -13.56 23.35 35.87
C PRO A 138 -12.14 23.84 35.61
N GLN A 139 -11.21 23.63 36.54
CA GLN A 139 -9.81 24.02 36.33
C GLN A 139 -9.00 22.92 35.65
N GLU A 140 -9.57 21.74 35.46
CA GLU A 140 -8.94 20.66 34.72
C GLU A 140 -9.87 20.20 33.62
N CYS A 141 -9.43 20.37 32.37
CA CYS A 141 -10.20 19.97 31.20
C CYS A 141 -9.32 19.08 30.34
N LEU A 142 -9.93 18.10 29.69
CA LEU A 142 -9.19 16.98 29.10
C LEU A 142 -9.54 16.82 27.63
N LEU A 143 -8.62 16.21 26.89
CA LEU A 143 -8.71 16.03 25.44
C LEU A 143 -9.50 14.77 25.11
N LEU A 144 -9.50 14.35 23.85
CA LEU A 144 -10.13 13.05 23.52
C LEU A 144 -9.17 11.88 23.54
N GLU A 145 -8.08 11.98 22.79
CA GLU A 145 -7.17 10.83 22.64
C GLU A 145 -6.46 10.21 23.83
N PRO A 146 -6.03 10.99 24.86
CA PRO A 146 -5.47 10.26 26.00
C PRO A 146 -6.62 9.78 26.88
N GLY A 147 -7.13 10.64 27.77
CA GLY A 147 -8.29 10.31 28.58
C GLY A 147 -9.53 10.61 27.80
N LEU A 148 -10.73 10.13 28.17
CA LEU A 148 -12.02 10.24 27.43
C LEU A 148 -12.05 8.91 26.75
N ASN A 149 -11.05 8.62 25.92
CA ASN A 149 -10.91 7.27 25.40
C ASN A 149 -10.59 6.29 26.51
N GLU A 150 -9.68 6.66 27.41
CA GLU A 150 -9.35 5.76 28.51
C GLU A 150 -10.53 5.58 29.45
N ILE A 151 -11.24 6.66 29.74
CA ILE A 151 -12.43 6.55 30.59
C ILE A 151 -13.43 5.59 29.99
N MET A 152 -13.76 5.77 28.71
CA MET A 152 -14.86 4.99 28.14
C MET A 152 -14.41 3.57 27.81
N ALA A 153 -13.09 3.35 27.72
CA ALA A 153 -12.61 2.00 27.42
C ALA A 153 -12.49 1.17 28.69
N ASN A 154 -11.95 1.75 29.77
CA ASN A 154 -11.66 0.99 30.97
C ASN A 154 -12.40 1.51 32.20
N SER A 155 -13.70 1.81 32.07
CA SER A 155 -14.53 2.11 33.22
C SER A 155 -15.60 1.04 33.35
N LEU A 156 -16.19 0.99 34.54
CA LEU A 156 -17.26 0.06 34.87
C LEU A 156 -18.42 0.80 35.52
N ASP A 157 -18.53 2.11 35.25
CA ASP A 157 -19.55 2.97 35.82
C ASP A 157 -20.50 3.39 34.72
N TYR A 158 -21.80 3.42 35.04
CA TYR A 158 -22.80 3.72 34.02
C TYR A 158 -22.94 5.22 33.81
N ASN A 159 -23.29 5.96 34.87
CA ASN A 159 -23.64 7.36 34.72
C ASN A 159 -22.44 8.19 34.27
N GLU A 160 -21.25 7.87 34.77
CA GLU A 160 -20.06 8.63 34.36
C GLU A 160 -19.76 8.40 32.88
N ARG A 161 -19.90 7.17 32.41
CA ARG A 161 -19.70 6.89 31.00
C ARG A 161 -20.71 7.61 30.14
N LEU A 162 -21.98 7.63 30.56
CA LEU A 162 -22.99 8.37 29.82
C LEU A 162 -22.66 9.85 29.80
N TRP A 163 -22.12 10.38 30.90
CA TRP A 163 -21.73 11.77 30.93
C TRP A 163 -20.64 12.07 29.91
N ALA A 164 -19.56 11.28 29.93
CA ALA A 164 -18.49 11.50 28.97
C ALA A 164 -19.00 11.43 27.53
N TRP A 165 -19.77 10.38 27.23
CA TRP A 165 -20.28 10.18 25.88
C TRP A 165 -21.15 11.35 25.43
N GLU A 166 -22.16 11.69 26.23
CA GLU A 166 -23.07 12.77 25.85
C GLU A 166 -22.34 14.09 25.72
N SER A 167 -21.44 14.40 26.66
CA SER A 167 -20.75 15.67 26.60
C SER A 167 -19.92 15.78 25.33
N TRP A 168 -19.11 14.77 25.04
CA TRP A 168 -18.30 14.80 23.84
C TRP A 168 -19.15 14.94 22.59
N ARG A 169 -20.13 14.04 22.42
CA ARG A 169 -20.91 14.07 21.18
C ARG A 169 -21.66 15.38 21.04
N SER A 170 -22.41 15.79 22.07
CA SER A 170 -23.15 17.05 22.01
C SER A 170 -22.23 18.21 21.64
N GLU A 171 -21.15 18.40 22.39
CA GLU A 171 -20.28 19.54 22.16
C GLU A 171 -19.73 19.55 20.74
N VAL A 172 -18.95 18.53 20.37
CA VAL A 172 -18.25 18.61 19.08
C VAL A 172 -19.24 18.51 17.93
N GLY A 173 -20.38 17.83 18.13
CA GLY A 173 -21.36 17.75 17.05
C GLY A 173 -22.02 19.07 16.77
N LYS A 174 -22.39 19.81 17.82
CA LYS A 174 -22.96 21.13 17.60
C LYS A 174 -21.92 22.10 17.05
N GLN A 175 -20.65 21.90 17.41
CA GLN A 175 -19.61 22.80 16.90
C GLN A 175 -19.30 22.51 15.45
N LEU A 176 -19.50 21.26 15.01
CA LEU A 176 -19.07 20.88 13.67
C LEU A 176 -20.19 20.95 12.64
N ARG A 177 -21.41 20.60 13.01
CA ARG A 177 -22.46 20.39 12.00
C ARG A 177 -22.67 21.56 11.04
N PRO A 178 -22.70 22.83 11.48
CA PRO A 178 -22.95 23.91 10.51
C PRO A 178 -21.98 23.92 9.35
N LEU A 179 -20.76 23.45 9.56
CA LEU A 179 -19.80 23.39 8.46
C LEU A 179 -20.11 22.23 7.53
N TYR A 180 -20.18 21.02 8.08
CA TYR A 180 -20.43 19.82 7.30
C TYR A 180 -21.68 19.98 6.44
N GLU A 181 -22.64 20.79 6.92
CA GLU A 181 -23.91 20.95 6.22
C GLU A 181 -23.72 21.38 4.78
N GLU A 182 -22.97 22.45 4.54
CA GLU A 182 -22.79 22.92 3.17
C GLU A 182 -21.48 22.41 2.57
N TYR A 183 -20.59 21.87 3.41
CA TYR A 183 -19.56 20.96 2.91
C TYR A 183 -20.19 19.93 1.98
N VAL A 184 -21.36 19.41 2.36
CA VAL A 184 -22.07 18.44 1.54
C VAL A 184 -22.24 18.96 0.12
N VAL A 185 -22.83 20.15 -0.04
CA VAL A 185 -23.21 20.61 -1.37
C VAL A 185 -21.98 21.05 -2.17
N LEU A 186 -20.97 21.61 -1.50
CA LEU A 186 -19.75 21.93 -2.24
C LEU A 186 -19.10 20.67 -2.82
N LYS A 187 -18.98 19.62 -2.00
CA LYS A 187 -18.41 18.38 -2.52
C LYS A 187 -19.32 17.77 -3.58
N ASN A 188 -20.63 17.94 -3.46
CA ASN A 188 -21.54 17.37 -4.43
C ASN A 188 -21.37 18.03 -5.79
N GLU A 189 -21.22 19.36 -5.81
CA GLU A 189 -21.01 20.04 -7.09
C GLU A 189 -19.63 19.73 -7.65
N MET A 190 -18.62 19.64 -6.80
CA MET A 190 -17.31 19.19 -7.26
C MET A 190 -17.41 17.81 -7.90
N ALA A 191 -18.34 17.00 -7.42
CA ALA A 191 -18.52 15.67 -8.00
C ALA A 191 -19.23 15.75 -9.35
N ARG A 192 -20.37 16.47 -9.33
CA ARG A 192 -21.16 16.70 -10.53
C ARG A 192 -20.56 17.30 -11.85
N ALA A 193 -19.71 18.27 -11.58
CA ALA A 193 -18.86 18.78 -12.62
C ALA A 193 -18.04 17.76 -13.35
N ASN A 194 -17.47 16.81 -12.61
CA ASN A 194 -16.74 15.74 -13.24
C ASN A 194 -17.68 14.65 -13.73
N HIS A 195 -18.94 14.97 -14.08
CA HIS A 195 -19.83 14.01 -14.72
C HIS A 195 -20.12 12.80 -13.82
N TYR A 196 -20.76 13.09 -12.69
CA TYR A 196 -21.19 12.07 -11.73
C TYR A 196 -22.55 12.47 -11.17
N GLU A 197 -23.28 11.51 -10.61
CA GLU A 197 -24.59 11.81 -10.05
C GLU A 197 -24.47 12.43 -8.66
N ASP A 198 -23.65 11.83 -7.80
CA ASP A 198 -23.48 12.34 -6.44
C ASP A 198 -22.08 11.98 -5.98
N TYR A 199 -21.64 12.65 -4.91
CA TYR A 199 -20.34 12.36 -4.34
C TYR A 199 -20.20 10.88 -4.00
N GLY A 200 -21.32 10.24 -3.63
CA GLY A 200 -21.29 8.81 -3.39
C GLY A 200 -20.85 8.03 -4.61
N ASP A 201 -21.21 8.53 -5.80
CA ASP A 201 -20.76 7.89 -7.03
C ASP A 201 -19.26 8.02 -7.20
N TYR A 202 -18.71 9.19 -6.84
CA TYR A 202 -17.27 9.39 -6.92
C TYR A 202 -16.55 8.45 -5.97
N TRP A 203 -17.11 8.22 -4.79
CA TRP A 203 -16.50 7.25 -3.90
C TRP A 203 -16.64 5.83 -4.42
N ARG A 204 -17.80 5.49 -4.99
CA ARG A 204 -18.01 4.14 -5.49
C ARG A 204 -17.22 3.84 -6.75
N GLY A 205 -16.74 4.87 -7.45
CA GLY A 205 -16.06 4.63 -8.72
C GLY A 205 -14.79 3.83 -8.58
N ASP A 206 -14.32 3.61 -7.36
CA ASP A 206 -13.08 2.86 -7.18
C ASP A 206 -13.28 1.39 -7.56
N TYR A 207 -14.53 0.93 -7.60
CA TYR A 207 -14.81 -0.46 -7.96
C TYR A 207 -15.32 -0.60 -9.38
N GLU A 208 -15.35 0.48 -10.15
CA GLU A 208 -15.90 0.44 -11.49
C GLU A 208 -14.95 -0.24 -12.47
N VAL A 209 -15.52 -1.00 -13.41
CA VAL A 209 -14.76 -1.67 -14.45
C VAL A 209 -15.64 -1.75 -15.70
N ASN A 210 -15.14 -1.25 -16.82
CA ASN A 210 -15.84 -1.37 -18.10
C ASN A 210 -14.85 -1.56 -19.22
N GLY A 211 -15.34 -2.11 -20.33
CA GLY A 211 -14.50 -2.31 -21.49
C GLY A 211 -13.91 -3.69 -21.59
N VAL A 212 -14.18 -4.57 -20.63
CA VAL A 212 -13.72 -5.95 -20.68
C VAL A 212 -14.96 -6.82 -20.54
N ASP A 213 -15.28 -7.57 -21.59
CA ASP A 213 -16.55 -8.29 -21.64
C ASP A 213 -16.54 -9.48 -20.69
N GLY A 214 -17.57 -9.58 -19.87
CA GLY A 214 -17.65 -10.61 -18.86
C GLY A 214 -17.23 -10.18 -17.48
N TYR A 215 -16.68 -8.97 -17.35
CA TYR A 215 -16.18 -8.49 -16.08
C TYR A 215 -16.60 -7.06 -15.74
N ASP A 216 -17.57 -6.49 -16.43
CA ASP A 216 -17.98 -5.14 -16.14
C ASP A 216 -18.67 -5.07 -14.78
N TYR A 217 -18.53 -3.93 -14.11
CA TYR A 217 -19.06 -3.76 -12.76
C TYR A 217 -19.53 -2.32 -12.64
N SER A 218 -20.83 -2.11 -12.70
CA SER A 218 -21.36 -0.76 -12.59
C SER A 218 -21.12 -0.20 -11.20
N ARG A 219 -21.27 1.12 -11.08
CA ARG A 219 -21.06 1.76 -9.79
C ARG A 219 -22.25 1.52 -8.87
N GLY A 220 -23.41 1.18 -9.44
CA GLY A 220 -24.55 0.85 -8.60
C GLY A 220 -24.53 -0.58 -8.09
N GLN A 221 -23.99 -1.49 -8.89
CA GLN A 221 -23.95 -2.91 -8.55
C GLN A 221 -23.43 -3.13 -7.14
N LEU A 222 -22.40 -2.38 -6.74
CA LEU A 222 -21.83 -2.52 -5.41
C LEU A 222 -22.91 -2.51 -4.34
N ILE A 223 -23.79 -1.50 -4.36
CA ILE A 223 -24.88 -1.47 -3.39
C ILE A 223 -25.66 -2.77 -3.44
N GLU A 224 -26.13 -3.13 -4.64
CA GLU A 224 -26.97 -4.32 -4.76
C GLU A 224 -26.22 -5.56 -4.33
N ASP A 225 -24.90 -5.46 -4.20
CA ASP A 225 -24.15 -6.57 -3.64
C ASP A 225 -24.03 -6.44 -2.12
N VAL A 226 -23.60 -5.27 -1.63
CA VAL A 226 -23.26 -5.15 -0.22
C VAL A 226 -24.47 -5.38 0.66
N GLU A 227 -25.65 -5.05 0.15
CA GLU A 227 -26.86 -5.34 0.90
C GLU A 227 -27.22 -6.82 0.81
N HIS A 228 -27.11 -7.40 -0.39
CA HIS A 228 -27.47 -8.80 -0.55
C HIS A 228 -26.61 -9.71 0.30
N THR A 229 -25.40 -9.27 0.64
CA THR A 229 -24.59 -10.04 1.57
C THR A 229 -25.07 -9.87 3.00
N PHE A 230 -25.44 -8.65 3.38
CA PHE A 230 -25.69 -8.38 4.80
C PHE A 230 -26.77 -9.27 5.37
N GLU A 231 -27.80 -9.61 4.58
CA GLU A 231 -28.82 -10.53 5.08
C GLU A 231 -28.18 -11.81 5.58
N GLU A 232 -27.33 -12.44 4.76
CA GLU A 232 -26.74 -13.70 5.17
C GLU A 232 -25.91 -13.56 6.44
N ILE A 233 -25.50 -12.34 6.78
CA ILE A 233 -24.63 -12.15 7.92
C ILE A 233 -25.43 -11.92 9.18
N LYS A 234 -26.74 -11.68 9.08
CA LYS A 234 -27.51 -11.37 10.27
C LYS A 234 -27.80 -12.57 11.17
N PRO A 235 -28.15 -13.75 10.67
CA PRO A 235 -28.39 -14.87 11.61
C PRO A 235 -27.24 -15.13 12.56
N LEU A 236 -25.99 -15.07 12.11
CA LEU A 236 -24.88 -15.19 13.05
C LEU A 236 -24.79 -13.97 13.95
N TYR A 237 -24.99 -12.77 13.40
CA TYR A 237 -24.86 -11.56 14.18
C TYR A 237 -25.91 -11.49 15.27
N GLU A 238 -27.19 -11.70 14.91
CA GLU A 238 -28.27 -11.55 15.88
C GLU A 238 -27.96 -12.31 17.15
N HIS A 239 -27.60 -13.58 17.03
CA HIS A 239 -27.33 -14.40 18.19
C HIS A 239 -26.20 -13.83 19.03
N LEU A 240 -25.12 -13.36 18.39
CA LEU A 240 -24.06 -12.72 19.13
C LEU A 240 -24.58 -11.55 19.95
N HIS A 241 -25.43 -10.73 19.34
CA HIS A 241 -25.95 -9.57 20.03
C HIS A 241 -26.81 -9.97 21.22
N ALA A 242 -27.38 -11.19 21.19
CA ALA A 242 -28.02 -11.70 22.38
C ALA A 242 -27.01 -11.98 23.47
N TYR A 243 -25.97 -12.74 23.14
CA TYR A 243 -24.98 -13.14 24.13
C TYR A 243 -24.34 -11.93 24.79
N VAL A 244 -23.77 -11.04 23.97
CA VAL A 244 -23.15 -9.83 24.49
C VAL A 244 -24.12 -9.08 25.39
N ARG A 245 -25.41 -9.13 25.08
CA ARG A 245 -26.38 -8.45 25.94
C ARG A 245 -26.60 -9.21 27.23
N ALA A 246 -26.76 -10.53 27.15
CA ALA A 246 -27.12 -11.32 28.33
C ALA A 246 -26.08 -11.16 29.42
N LYS A 247 -24.82 -11.44 29.10
CA LYS A 247 -23.76 -11.24 30.08
C LYS A 247 -23.74 -9.81 30.59
N LEU A 248 -24.02 -8.85 29.72
CA LEU A 248 -23.97 -7.46 30.13
C LEU A 248 -25.05 -7.17 31.16
N MET A 249 -26.14 -7.95 31.13
CA MET A 249 -27.19 -7.78 32.13
C MET A 249 -26.65 -7.97 33.54
N ASN A 250 -25.58 -8.75 33.68
CA ASN A 250 -25.03 -8.98 35.01
C ASN A 250 -24.23 -7.78 35.50
N ALA A 251 -23.68 -6.99 34.57
CA ALA A 251 -22.81 -5.89 34.99
C ALA A 251 -23.62 -4.65 35.34
N TYR A 252 -24.65 -4.34 34.57
CA TYR A 252 -25.49 -3.16 34.80
C TYR A 252 -26.93 -3.61 34.90
N PRO A 253 -27.31 -4.30 35.97
CA PRO A 253 -28.65 -4.89 36.02
C PRO A 253 -29.73 -3.93 36.47
N SER A 254 -29.70 -2.70 35.97
CA SER A 254 -30.73 -1.74 36.32
C SER A 254 -31.10 -0.85 35.14
N TYR A 255 -30.57 -1.17 33.96
CA TYR A 255 -30.82 -0.32 32.80
C TYR A 255 -31.14 -1.08 31.52
N ILE A 256 -30.82 -2.37 31.42
CA ILE A 256 -30.87 -3.09 30.16
C ILE A 256 -32.11 -3.97 30.14
N SER A 257 -32.63 -4.23 28.94
CA SER A 257 -33.87 -4.94 28.75
C SER A 257 -33.60 -6.35 28.26
N PRO A 258 -34.46 -7.31 28.62
CA PRO A 258 -34.27 -8.67 28.10
C PRO A 258 -34.61 -8.81 26.64
N ILE A 259 -35.33 -7.84 26.07
CA ILE A 259 -35.71 -7.94 24.66
C ILE A 259 -35.17 -6.76 23.85
N GLY A 260 -34.93 -5.62 24.51
CA GLY A 260 -34.53 -4.41 23.81
C GLY A 260 -33.15 -4.42 23.20
N CYS A 261 -32.66 -3.24 22.83
CA CYS A 261 -31.35 -3.12 22.23
C CYS A 261 -30.33 -2.70 23.28
N LEU A 262 -29.05 -2.72 22.89
CA LEU A 262 -28.01 -2.25 23.78
C LEU A 262 -27.93 -0.72 23.74
N PRO A 263 -27.63 -0.09 24.87
CA PRO A 263 -27.35 1.35 24.82
C PRO A 263 -25.99 1.62 24.21
N ALA A 264 -25.70 2.90 24.02
CA ALA A 264 -24.46 3.29 23.35
C ALA A 264 -23.24 3.29 24.26
N HIS A 265 -23.39 3.66 25.53
CA HIS A 265 -22.26 3.89 26.40
C HIS A 265 -21.83 2.65 27.17
N LEU A 266 -22.05 1.46 26.62
CA LEU A 266 -21.71 0.23 27.31
C LEU A 266 -20.82 -0.68 26.48
N LEU A 267 -20.28 -0.19 25.37
CA LEU A 267 -19.74 -1.07 24.36
C LEU A 267 -18.24 -0.91 24.12
N GLY A 268 -17.55 -0.09 24.89
CA GLY A 268 -16.13 0.03 24.67
C GLY A 268 -15.70 1.38 24.14
N ASP A 269 -15.33 1.45 22.86
CA ASP A 269 -14.85 2.68 22.28
C ASP A 269 -15.94 3.75 22.31
N MET A 270 -15.53 4.98 21.99
CA MET A 270 -16.43 6.12 22.10
C MET A 270 -17.62 5.98 21.16
N TRP A 271 -17.42 5.32 20.02
CA TRP A 271 -18.47 5.22 19.01
C TRP A 271 -19.05 3.82 18.91
N GLY A 272 -18.33 2.80 19.34
CA GLY A 272 -18.76 1.45 19.10
C GLY A 272 -18.24 0.88 17.80
N ARG A 273 -17.12 1.40 17.31
CA ARG A 273 -16.57 0.91 16.05
C ARG A 273 -16.11 -0.53 16.19
N PHE A 274 -15.76 -0.94 17.40
CA PHE A 274 -15.39 -2.32 17.67
C PHE A 274 -16.02 -2.75 18.99
N TRP A 275 -16.03 -4.06 19.22
CA TRP A 275 -16.46 -4.63 20.49
C TRP A 275 -15.33 -5.32 21.22
N THR A 276 -14.10 -4.83 21.09
CA THR A 276 -12.96 -5.54 21.67
C THR A 276 -12.82 -5.25 23.16
N ASN A 277 -13.29 -4.09 23.61
CA ASN A 277 -13.16 -3.74 25.02
C ASN A 277 -14.08 -4.54 25.93
N LEU A 278 -14.94 -5.39 25.38
CA LEU A 278 -15.88 -6.15 26.19
C LEU A 278 -15.44 -7.59 26.43
N TYR A 279 -14.17 -7.91 26.21
CA TYR A 279 -13.74 -9.28 26.44
C TYR A 279 -13.73 -9.62 27.92
N SER A 280 -13.74 -8.59 28.78
CA SER A 280 -13.74 -8.83 30.21
C SER A 280 -15.11 -9.28 30.70
N LEU A 281 -16.17 -8.61 30.23
CA LEU A 281 -17.49 -8.88 30.77
C LEU A 281 -18.26 -9.90 29.93
N THR A 282 -17.67 -10.40 28.85
CA THR A 282 -18.36 -11.32 27.95
C THR A 282 -17.54 -12.54 27.59
N VAL A 283 -16.70 -13.02 28.49
CA VAL A 283 -15.85 -14.18 28.16
C VAL A 283 -16.67 -15.45 28.30
N PRO A 284 -16.53 -16.43 27.40
CA PRO A 284 -17.28 -17.68 27.54
C PRO A 284 -16.91 -18.44 28.79
N PHE A 285 -15.62 -18.71 28.96
CA PHE A 285 -15.09 -19.48 30.07
C PHE A 285 -13.95 -18.69 30.69
N GLY A 286 -14.24 -17.93 31.73
CA GLY A 286 -13.30 -16.97 32.26
C GLY A 286 -12.11 -17.57 32.97
N GLN A 287 -12.34 -18.68 33.67
CA GLN A 287 -11.28 -19.31 34.45
C GLN A 287 -10.25 -20.01 33.58
N LYS A 288 -10.30 -19.81 32.27
CA LYS A 288 -9.30 -20.35 31.36
C LYS A 288 -8.53 -19.18 30.74
N PRO A 289 -7.21 -19.18 30.80
CA PRO A 289 -6.44 -18.07 30.22
C PRO A 289 -6.27 -18.24 28.73
N ASN A 290 -6.01 -17.11 28.07
CA ASN A 290 -5.76 -17.10 26.64
C ASN A 290 -4.28 -17.34 26.38
N ILE A 291 -3.89 -17.30 25.11
CA ILE A 291 -2.50 -17.46 24.72
C ILE A 291 -1.86 -16.09 24.68
N ASP A 292 -0.80 -15.91 25.46
CA ASP A 292 -0.03 -14.67 25.45
C ASP A 292 1.42 -15.01 25.70
N VAL A 293 2.28 -14.78 24.71
CA VAL A 293 3.66 -15.23 24.76
C VAL A 293 4.61 -14.10 25.08
N THR A 294 4.13 -13.01 25.67
CA THR A 294 5.01 -11.93 26.08
C THR A 294 6.05 -12.43 27.08
N ASP A 295 5.61 -13.18 28.09
CA ASP A 295 6.54 -13.71 29.07
C ASP A 295 7.49 -14.71 28.44
N ALA A 296 7.01 -15.51 27.49
CA ALA A 296 7.88 -16.46 26.82
C ALA A 296 8.92 -15.75 25.97
N MET A 297 8.62 -14.53 25.52
CA MET A 297 9.60 -13.79 24.75
C MET A 297 10.63 -13.12 25.64
N VAL A 298 10.18 -12.46 26.72
CA VAL A 298 11.13 -11.79 27.60
C VAL A 298 11.94 -12.81 28.38
N ASP A 299 11.50 -14.06 28.43
CA ASP A 299 12.29 -15.10 29.08
C ASP A 299 13.47 -15.52 28.23
N GLN A 300 13.25 -15.63 26.92
CA GLN A 300 14.32 -16.00 25.98
C GLN A 300 15.08 -14.78 25.45
N ALA A 301 14.80 -13.59 25.99
CA ALA A 301 15.54 -12.38 25.65
C ALA A 301 15.51 -12.10 24.15
N TRP A 302 14.30 -11.96 23.62
CA TRP A 302 14.12 -11.58 22.23
C TRP A 302 14.34 -10.09 22.06
N ASP A 303 14.33 -9.64 20.82
CA ASP A 303 14.43 -8.21 20.51
C ASP A 303 13.79 -7.95 19.16
N ALA A 304 13.92 -6.72 18.68
CA ALA A 304 13.30 -6.34 17.41
C ALA A 304 13.83 -7.18 16.26
N GLN A 305 15.15 -7.35 16.21
CA GLN A 305 15.76 -8.08 15.11
C GLN A 305 15.18 -9.48 15.01
N ARG A 306 14.94 -10.14 16.14
CA ARG A 306 14.44 -11.51 16.11
C ARG A 306 13.01 -11.56 15.58
N ILE A 307 12.17 -10.63 16.03
CA ILE A 307 10.79 -10.57 15.55
C ILE A 307 10.76 -10.40 14.04
N PHE A 308 11.56 -9.46 13.52
CA PHE A 308 11.48 -9.18 12.10
C PHE A 308 12.16 -10.28 11.28
N LYS A 309 13.15 -10.96 11.86
CA LYS A 309 13.74 -12.10 11.19
C LYS A 309 12.72 -13.23 11.04
N GLU A 310 11.99 -13.55 12.12
CA GLU A 310 10.95 -14.56 12.01
C GLU A 310 9.88 -14.14 11.01
N ALA A 311 9.57 -12.84 10.98
CA ALA A 311 8.62 -12.33 10.01
C ALA A 311 9.07 -12.65 8.59
N GLU A 312 10.30 -12.28 8.23
CA GLU A 312 10.74 -12.55 6.87
C GLU A 312 10.86 -14.05 6.61
N LYS A 313 11.14 -14.82 7.66
CA LYS A 313 11.24 -16.27 7.49
C LYS A 313 9.90 -16.85 7.08
N PHE A 314 8.82 -16.36 7.69
CA PHE A 314 7.49 -16.85 7.33
C PHE A 314 7.22 -16.64 5.85
N PHE A 315 7.62 -15.50 5.30
CA PHE A 315 7.32 -15.21 3.90
C PHE A 315 8.26 -15.96 2.97
N VAL A 316 9.51 -16.15 3.38
CA VAL A 316 10.41 -16.98 2.57
C VAL A 316 9.91 -18.41 2.51
N SER A 317 9.23 -18.87 3.56
CA SER A 317 8.68 -20.21 3.55
C SER A 317 7.60 -20.35 2.48
N VAL A 318 6.74 -19.34 2.32
CA VAL A 318 5.63 -19.42 1.38
C VAL A 318 6.09 -19.30 -0.06
N GLY A 319 7.33 -18.88 -0.31
CA GLY A 319 7.81 -18.71 -1.66
C GLY A 319 7.70 -17.29 -2.17
N LEU A 320 8.22 -16.34 -1.40
CA LEU A 320 8.22 -14.93 -1.74
C LEU A 320 9.63 -14.38 -1.50
N PRO A 321 9.93 -13.19 -2.03
CA PRO A 321 11.30 -12.69 -1.93
C PRO A 321 11.81 -12.48 -0.52
N ASN A 322 13.10 -12.19 -0.38
CA ASN A 322 13.64 -11.83 0.93
C ASN A 322 13.50 -10.31 1.02
N MET A 323 13.95 -9.72 2.09
CA MET A 323 13.89 -8.28 2.28
C MET A 323 15.18 -7.66 1.75
N THR A 324 15.04 -6.44 1.23
CA THR A 324 16.12 -5.69 0.63
C THR A 324 17.18 -5.38 1.69
N GLN A 325 18.42 -5.17 1.25
CA GLN A 325 19.47 -4.80 2.17
C GLN A 325 19.22 -3.42 2.76
N GLY A 326 18.66 -2.52 1.95
CA GLY A 326 18.34 -1.20 2.44
C GLY A 326 17.29 -1.24 3.53
N PHE A 327 16.43 -2.27 3.50
CA PHE A 327 15.47 -2.47 4.58
C PHE A 327 16.19 -2.58 5.91
N TRP A 328 17.24 -3.39 5.97
CA TRP A 328 17.96 -3.58 7.23
C TRP A 328 18.81 -2.35 7.56
N GLU A 329 19.39 -1.72 6.54
CA GLU A 329 20.27 -0.60 6.82
C GLU A 329 19.49 0.63 7.27
N ASN A 330 18.54 1.08 6.46
CA ASN A 330 18.05 2.44 6.62
C ASN A 330 16.82 2.54 7.53
N SER A 331 16.05 1.47 7.66
CA SER A 331 14.83 1.53 8.46
C SER A 331 15.11 1.74 9.95
N MET A 332 14.05 2.09 10.68
CA MET A 332 14.13 2.36 12.11
C MET A 332 13.21 1.37 12.82
N LEU A 333 13.80 0.41 13.50
CA LEU A 333 13.05 -0.66 14.17
C LEU A 333 13.14 -0.57 15.68
N THR A 334 13.64 0.54 16.22
CA THR A 334 13.64 0.76 17.66
C THR A 334 13.36 2.25 17.91
N ASP A 335 12.68 2.53 19.01
CA ASP A 335 12.60 3.96 19.29
C ASP A 335 13.98 4.49 19.66
N PRO A 336 14.41 5.58 19.05
CA PRO A 336 15.83 5.95 19.09
C PRO A 336 16.30 6.64 20.35
N GLY A 337 15.51 6.59 21.42
CA GLY A 337 15.90 7.28 22.64
C GLY A 337 15.15 8.58 22.83
N ASN A 338 15.65 9.39 23.76
CA ASN A 338 14.97 10.61 24.16
C ASN A 338 15.60 11.87 23.57
N VAL A 339 16.81 11.77 23.00
CA VAL A 339 17.41 12.92 22.33
C VAL A 339 16.85 13.11 20.92
N GLN A 340 16.25 12.07 20.35
CA GLN A 340 15.66 12.16 19.02
C GLN A 340 14.21 11.72 19.11
N LYS A 341 13.30 12.61 18.70
CA LYS A 341 11.88 12.34 18.74
C LYS A 341 11.44 11.67 17.46
N ALA A 342 10.23 11.12 17.47
CA ALA A 342 9.68 10.51 16.26
C ALA A 342 8.17 10.35 16.46
N VAL A 343 7.48 9.99 15.39
CA VAL A 343 6.10 9.51 15.44
C VAL A 343 6.11 8.06 14.99
N CYS A 344 5.71 7.15 15.89
CA CYS A 344 5.91 5.74 15.63
C CYS A 344 4.61 4.94 15.47
N HIS A 345 3.63 5.49 14.77
CA HIS A 345 2.60 4.66 14.18
C HIS A 345 3.23 3.71 13.18
N PRO A 346 2.98 2.40 13.29
CA PRO A 346 3.67 1.44 12.43
C PRO A 346 3.28 1.63 10.98
N THR A 347 4.28 1.89 10.13
CA THR A 347 4.04 2.12 8.72
C THR A 347 5.05 1.36 7.87
N ALA A 348 4.61 1.00 6.66
CA ALA A 348 5.44 0.34 5.67
C ALA A 348 5.62 1.28 4.49
N TRP A 349 6.86 1.66 4.22
CA TRP A 349 7.20 2.75 3.30
C TRP A 349 7.69 2.21 1.97
N ASP A 350 7.09 2.70 0.90
CA ASP A 350 7.60 2.54 -0.46
C ASP A 350 8.01 3.91 -0.97
N LEU A 351 9.32 4.17 -1.02
CA LEU A 351 9.84 5.47 -1.41
C LEU A 351 10.19 5.56 -2.88
N GLY A 352 10.06 4.48 -3.63
CA GLY A 352 10.43 4.48 -5.03
C GLY A 352 11.85 4.01 -5.24
N LYS A 353 12.17 3.74 -6.50
CA LYS A 353 13.51 3.33 -6.92
C LYS A 353 14.03 2.14 -6.14
N GLY A 354 13.13 1.24 -5.72
CA GLY A 354 13.56 0.08 -5.00
C GLY A 354 13.86 0.32 -3.54
N ASP A 355 13.30 1.37 -2.95
CA ASP A 355 13.56 1.73 -1.57
C ASP A 355 12.34 1.37 -0.72
N PHE A 356 12.48 0.35 0.11
CA PHE A 356 11.41 -0.17 0.95
C PHE A 356 11.86 -0.18 2.40
N ARG A 357 11.08 0.43 3.28
CA ARG A 357 11.46 0.56 4.69
C ARG A 357 10.25 0.31 5.59
N ILE A 358 10.52 0.27 6.90
CA ILE A 358 9.47 0.14 7.91
C ILE A 358 9.79 1.07 9.06
N LEU A 359 8.77 1.75 9.56
CA LEU A 359 8.90 2.63 10.71
C LEU A 359 8.02 2.07 11.82
N MET A 360 8.64 1.84 12.98
CA MET A 360 7.98 1.17 14.10
C MET A 360 8.81 1.36 15.36
N CYS A 361 8.18 1.86 16.41
CA CYS A 361 8.76 1.87 17.74
C CYS A 361 8.35 0.56 18.41
N THR A 362 9.16 -0.48 18.24
CA THR A 362 8.76 -1.81 18.63
C THR A 362 9.01 -2.03 20.11
N LYS A 363 8.15 -2.85 20.71
CA LYS A 363 8.33 -3.35 22.07
C LYS A 363 8.28 -4.87 22.01
N VAL A 364 8.78 -5.50 23.05
CA VAL A 364 8.88 -6.96 23.09
C VAL A 364 7.56 -7.48 23.65
N THR A 365 6.56 -7.62 22.76
CA THR A 365 5.24 -8.06 23.16
C THR A 365 4.66 -8.97 22.10
N MET A 366 3.49 -9.54 22.42
CA MET A 366 2.80 -10.43 21.50
C MET A 366 2.14 -9.67 20.36
N ASP A 367 1.60 -8.49 20.65
CA ASP A 367 0.86 -7.75 19.63
C ASP A 367 1.78 -7.28 18.51
N ASP A 368 2.99 -6.85 18.86
CA ASP A 368 3.93 -6.41 17.83
C ASP A 368 4.38 -7.58 16.97
N PHE A 369 4.36 -8.79 17.51
CA PHE A 369 4.72 -9.96 16.72
C PHE A 369 3.79 -10.11 15.53
N LEU A 370 2.53 -9.70 15.66
CA LEU A 370 1.60 -9.79 14.55
C LEU A 370 1.60 -8.51 13.73
N THR A 371 1.83 -7.36 14.38
CA THR A 371 1.91 -6.11 13.63
C THR A 371 3.06 -6.13 12.64
N ALA A 372 4.15 -6.81 13.00
CA ALA A 372 5.27 -6.95 12.07
C ALA A 372 4.86 -7.72 10.83
N HIS A 373 4.06 -8.78 11.00
CA HIS A 373 3.60 -9.55 9.85
C HIS A 373 2.68 -8.71 8.97
N HIS A 374 1.78 -7.96 9.59
CA HIS A 374 0.91 -7.07 8.83
C HIS A 374 1.74 -6.12 7.96
N GLU A 375 2.74 -5.46 8.55
CA GLU A 375 3.52 -4.50 7.80
C GLU A 375 4.37 -5.15 6.73
N MET A 376 4.95 -6.30 7.02
CA MET A 376 5.76 -6.96 6.00
C MET A 376 4.89 -7.48 4.85
N GLY A 377 3.63 -7.79 5.11
CA GLY A 377 2.73 -8.11 4.02
C GLY A 377 2.47 -6.91 3.12
N HIS A 378 2.27 -5.74 3.72
CA HIS A 378 2.22 -4.52 2.92
C HIS A 378 3.46 -4.40 2.03
N ILE A 379 4.65 -4.55 2.64
CA ILE A 379 5.90 -4.38 1.89
C ILE A 379 6.01 -5.41 0.78
N GLN A 380 5.53 -6.63 1.01
CA GLN A 380 5.60 -7.66 -0.03
C GLN A 380 4.70 -7.29 -1.21
N TYR A 381 3.51 -6.77 -0.94
CA TYR A 381 2.67 -6.30 -2.04
C TYR A 381 3.40 -5.23 -2.86
N ASP A 382 4.02 -4.29 -2.16
CA ASP A 382 4.73 -3.21 -2.86
C ASP A 382 5.90 -3.74 -3.67
N MET A 383 6.56 -4.78 -3.17
CA MET A 383 7.64 -5.39 -3.93
C MET A 383 7.12 -6.11 -5.16
N ALA A 384 5.93 -6.70 -5.06
CA ALA A 384 5.40 -7.46 -6.18
C ALA A 384 5.00 -6.56 -7.33
N TYR A 385 4.28 -5.47 -7.07
CA TYR A 385 3.82 -4.69 -8.21
C TYR A 385 4.80 -3.59 -8.65
N ALA A 386 6.07 -3.70 -8.31
CA ALA A 386 7.02 -2.66 -8.67
C ALA A 386 7.51 -2.74 -10.10
N ALA A 387 7.08 -3.74 -10.87
CA ALA A 387 7.49 -3.90 -12.26
C ALA A 387 6.46 -3.36 -13.24
N GLN A 388 5.42 -2.72 -12.75
CA GLN A 388 4.39 -2.11 -13.55
C GLN A 388 4.69 -0.63 -13.76
N PRO A 389 4.01 0.02 -14.69
CA PRO A 389 4.16 1.46 -14.84
C PRO A 389 3.89 2.23 -13.55
N PHE A 390 4.27 3.50 -13.54
CA PHE A 390 4.19 4.28 -12.30
C PHE A 390 2.74 4.45 -11.84
N LEU A 391 1.84 4.75 -12.77
CA LEU A 391 0.47 5.08 -12.39
C LEU A 391 -0.29 3.84 -11.96
N LEU A 392 0.14 2.67 -12.40
CA LEU A 392 -0.52 1.43 -12.05
C LEU A 392 0.14 0.72 -10.88
N ARG A 393 0.72 1.47 -9.95
CA ARG A 393 1.34 0.87 -8.77
C ARG A 393 0.47 1.07 -7.53
N ASN A 394 -0.52 0.20 -7.36
CA ASN A 394 -1.41 0.18 -6.21
C ASN A 394 -2.09 -1.19 -6.14
N GLY A 395 -2.99 -1.38 -5.19
CA GLY A 395 -3.81 -2.57 -5.17
C GLY A 395 -4.92 -2.50 -6.20
N ALA A 396 -5.54 -3.66 -6.42
CA ALA A 396 -6.62 -3.73 -7.39
C ALA A 396 -7.76 -2.79 -7.02
N ASN A 397 -8.13 -2.76 -5.74
CA ASN A 397 -8.98 -1.70 -5.21
C ASN A 397 -8.49 -1.39 -3.79
N GLU A 398 -9.27 -0.57 -3.08
CA GLU A 398 -8.78 0.00 -1.84
C GLU A 398 -8.86 -0.99 -0.68
N GLY A 399 -9.21 -2.24 -0.94
CA GLY A 399 -9.31 -3.21 0.13
C GLY A 399 -8.20 -4.25 0.13
N PHE A 400 -7.47 -4.35 -0.98
CA PHE A 400 -6.58 -5.49 -1.16
C PHE A 400 -5.35 -5.41 -0.27
N HIS A 401 -4.78 -4.21 -0.10
CA HIS A 401 -3.63 -4.07 0.80
C HIS A 401 -3.96 -4.55 2.19
N GLU A 402 -5.05 -4.06 2.77
CA GLU A 402 -5.42 -4.46 4.11
C GLU A 402 -5.77 -5.93 4.18
N ALA A 403 -6.41 -6.47 3.14
CA ALA A 403 -6.74 -7.89 3.15
C ALA A 403 -5.47 -8.74 3.19
N VAL A 404 -4.51 -8.44 2.33
CA VAL A 404 -3.27 -9.21 2.26
C VAL A 404 -2.46 -9.01 3.54
N GLY A 405 -2.58 -7.85 4.17
CA GLY A 405 -1.90 -7.65 5.43
C GLY A 405 -2.52 -8.45 6.57
N GLU A 406 -3.83 -8.60 6.56
CA GLU A 406 -4.50 -9.24 7.69
C GLU A 406 -4.43 -10.76 7.60
N ILE A 407 -4.48 -11.31 6.38
CA ILE A 407 -4.46 -12.78 6.29
C ILE A 407 -3.11 -13.34 6.70
N MET A 408 -2.13 -12.48 6.92
CA MET A 408 -0.83 -12.98 7.38
C MET A 408 -0.80 -13.08 8.90
N SER A 409 -1.28 -12.06 9.59
CA SER A 409 -1.43 -12.16 11.04
C SER A 409 -2.37 -13.29 11.40
N LEU A 410 -3.40 -13.51 10.58
CA LEU A 410 -4.36 -14.58 10.86
C LEU A 410 -3.68 -15.94 10.87
N SER A 411 -2.67 -16.14 10.01
CA SER A 411 -1.97 -17.42 9.97
C SER A 411 -0.88 -17.48 11.03
N ALA A 412 -0.25 -16.35 11.35
CA ALA A 412 0.85 -16.37 12.31
C ALA A 412 0.33 -16.39 13.74
N ALA A 413 -0.98 -16.20 13.93
CA ALA A 413 -1.52 -16.17 15.29
C ALA A 413 -2.13 -17.50 15.72
N THR A 414 -1.89 -18.59 14.99
CA THR A 414 -2.44 -19.87 15.38
C THR A 414 -1.53 -20.53 16.43
N PRO A 415 -2.06 -21.48 17.20
CA PRO A 415 -1.17 -22.26 18.09
C PRO A 415 -0.18 -23.12 17.34
N LYS A 416 -0.50 -23.57 16.13
CA LYS A 416 0.41 -24.44 15.39
C LYS A 416 1.70 -23.71 15.03
N HIS A 417 1.59 -22.53 14.40
CA HIS A 417 2.79 -21.80 14.02
C HIS A 417 3.58 -21.37 15.25
N LEU A 418 2.88 -21.02 16.33
CA LEU A 418 3.58 -20.59 17.54
C LEU A 418 4.31 -21.75 18.20
N LYS A 419 3.79 -22.97 18.05
CA LYS A 419 4.52 -24.14 18.52
C LYS A 419 5.72 -24.43 17.61
N SER A 420 5.55 -24.21 16.30
CA SER A 420 6.66 -24.41 15.38
C SER A 420 7.81 -23.45 15.67
N ILE A 421 7.51 -22.18 15.91
CA ILE A 421 8.56 -21.19 16.16
C ILE A 421 9.33 -21.49 17.43
N GLY A 422 8.74 -22.24 18.36
CA GLY A 422 9.42 -22.52 19.61
C GLY A 422 9.14 -21.53 20.70
N LEU A 423 8.05 -20.77 20.58
CA LEU A 423 7.66 -19.85 21.64
C LEU A 423 6.87 -20.58 22.72
N LEU A 424 5.91 -21.40 22.32
CA LEU A 424 5.14 -22.19 23.26
C LEU A 424 5.69 -23.61 23.32
N SER A 425 5.75 -24.15 24.54
CA SER A 425 6.23 -25.50 24.72
C SER A 425 5.25 -26.49 24.07
N PRO A 426 5.75 -27.53 23.41
CA PRO A 426 4.87 -28.43 22.65
C PRO A 426 3.91 -29.24 23.50
N ASP A 427 3.85 -28.99 24.80
CA ASP A 427 2.89 -29.63 25.68
C ASP A 427 1.71 -28.71 25.97
N PHE A 428 1.51 -27.68 25.16
CA PHE A 428 0.34 -26.82 25.27
C PHE A 428 -0.82 -27.44 24.52
N GLN A 429 -1.76 -28.02 25.25
CA GLN A 429 -2.91 -28.67 24.63
C GLN A 429 -4.11 -27.75 24.67
N GLU A 430 -4.78 -27.65 23.52
CA GLU A 430 -5.93 -26.76 23.37
C GLU A 430 -7.19 -27.62 23.31
N ASP A 431 -8.28 -27.09 23.84
CA ASP A 431 -9.55 -27.81 23.91
C ASP A 431 -10.66 -26.87 23.50
N ASN A 432 -11.87 -27.39 23.43
CA ASN A 432 -12.97 -26.58 22.93
C ASN A 432 -13.25 -25.28 23.68
N GLU A 433 -12.78 -25.13 24.90
CA GLU A 433 -12.98 -23.87 25.58
C GLU A 433 -12.04 -22.79 25.05
N THR A 434 -10.77 -23.10 24.85
CA THR A 434 -9.84 -22.11 24.31
C THR A 434 -10.16 -21.80 22.86
N GLU A 435 -10.62 -22.80 22.10
CA GLU A 435 -11.07 -22.56 20.74
C GLU A 435 -12.23 -21.57 20.70
N ILE A 436 -13.24 -21.77 21.55
CA ILE A 436 -14.37 -20.86 21.58
C ILE A 436 -13.94 -19.49 22.08
N ASN A 437 -12.95 -19.46 22.99
CA ASN A 437 -12.41 -18.19 23.44
C ASN A 437 -11.83 -17.40 22.27
N PHE A 438 -11.02 -18.06 21.45
CA PHE A 438 -10.40 -17.39 20.32
C PHE A 438 -11.44 -16.94 19.33
N LEU A 439 -12.43 -17.79 19.05
CA LEU A 439 -13.45 -17.41 18.07
C LEU A 439 -14.28 -16.24 18.57
N LEU A 440 -14.53 -16.14 19.88
CA LEU A 440 -15.30 -15.01 20.39
C LEU A 440 -14.48 -13.73 20.33
N LYS A 441 -13.21 -13.80 20.71
CA LYS A 441 -12.38 -12.61 20.66
C LYS A 441 -12.22 -12.12 19.22
N GLN A 442 -12.17 -13.04 18.27
CA GLN A 442 -12.14 -12.63 16.86
C GLN A 442 -13.48 -12.04 16.45
N ALA A 443 -14.58 -12.66 16.88
CA ALA A 443 -15.90 -12.23 16.44
C ALA A 443 -16.19 -10.80 16.87
N LEU A 444 -15.87 -10.48 18.13
CA LEU A 444 -16.15 -9.14 18.63
C LEU A 444 -15.58 -8.06 17.72
N THR A 445 -14.40 -8.33 17.14
CA THR A 445 -13.70 -7.27 16.41
C THR A 445 -13.94 -7.36 14.91
N ILE A 446 -14.35 -8.51 14.41
CA ILE A 446 -14.55 -8.67 12.98
C ILE A 446 -16.02 -8.57 12.60
N VAL A 447 -16.89 -9.34 13.24
CA VAL A 447 -18.30 -9.33 12.86
C VAL A 447 -19.02 -8.14 13.45
N GLY A 448 -18.50 -7.59 14.55
CA GLY A 448 -19.18 -6.46 15.18
C GLY A 448 -18.90 -5.14 14.49
N THR A 449 -17.87 -5.10 13.63
CA THR A 449 -17.58 -3.87 12.93
C THR A 449 -18.34 -3.78 11.61
N LEU A 450 -18.97 -4.87 11.17
CA LEU A 450 -19.60 -4.86 9.85
C LEU A 450 -20.94 -4.15 9.81
N PRO A 451 -21.88 -4.41 10.73
CA PRO A 451 -23.15 -3.66 10.67
C PRO A 451 -22.97 -2.17 10.85
N PHE A 452 -22.07 -1.77 11.74
CA PHE A 452 -21.77 -0.36 11.93
C PHE A 452 -21.23 0.26 10.64
N THR A 453 -20.30 -0.42 9.98
CA THR A 453 -19.72 0.10 8.74
C THR A 453 -20.78 0.24 7.66
N TYR A 454 -21.55 -0.83 7.44
CA TYR A 454 -22.58 -0.82 6.42
C TYR A 454 -23.60 0.28 6.67
N MET A 455 -24.05 0.44 7.92
CA MET A 455 -25.04 1.45 8.21
C MET A 455 -24.47 2.85 8.01
N LEU A 456 -23.26 3.09 8.47
CA LEU A 456 -22.65 4.40 8.33
C LEU A 456 -22.57 4.82 6.87
N GLU A 457 -22.02 3.96 6.02
CA GLU A 457 -21.84 4.41 4.65
C GLU A 457 -23.16 4.40 3.89
N LYS A 458 -24.11 3.57 4.30
CA LYS A 458 -25.44 3.65 3.70
C LYS A 458 -26.07 5.01 3.99
N TRP A 459 -25.91 5.50 5.22
CA TRP A 459 -26.46 6.79 5.56
C TRP A 459 -25.75 7.92 4.83
N ARG A 460 -24.42 7.84 4.70
CA ARG A 460 -23.72 8.86 3.92
C ARG A 460 -24.19 8.86 2.47
N TRP A 461 -24.31 7.68 1.87
CA TRP A 461 -24.78 7.60 0.51
C TRP A 461 -26.17 8.20 0.35
N MET A 462 -27.04 8.00 1.34
CA MET A 462 -28.39 8.52 1.21
C MET A 462 -28.47 10.01 1.48
N VAL A 463 -27.56 10.54 2.30
CA VAL A 463 -27.50 11.99 2.48
C VAL A 463 -26.96 12.66 1.22
N PHE A 464 -26.01 12.00 0.55
CA PHE A 464 -25.41 12.57 -0.65
C PHE A 464 -26.34 12.46 -1.84
N LYS A 465 -27.05 11.33 -1.97
CA LYS A 465 -27.98 11.17 -3.07
C LYS A 465 -29.27 11.94 -2.84
N GLY A 466 -29.59 12.28 -1.60
CA GLY A 466 -30.65 13.22 -1.32
C GLY A 466 -31.97 12.64 -0.87
N GLU A 467 -32.04 11.34 -0.59
CA GLU A 467 -33.27 10.73 -0.11
C GLU A 467 -33.51 10.94 1.38
N ILE A 468 -32.59 11.62 2.06
CA ILE A 468 -32.77 12.01 3.45
C ILE A 468 -32.80 13.53 3.50
N PRO A 469 -33.97 14.16 3.46
CA PRO A 469 -34.03 15.61 3.58
C PRO A 469 -33.41 16.07 4.88
N LYS A 470 -32.91 17.31 4.87
CA LYS A 470 -32.18 17.85 6.01
C LYS A 470 -32.95 17.68 7.31
N ASP A 471 -34.23 18.08 7.30
CA ASP A 471 -35.01 18.14 8.52
C ASP A 471 -35.14 16.78 9.21
N GLN A 472 -34.82 15.69 8.51
CA GLN A 472 -34.97 14.36 9.06
C GLN A 472 -33.62 13.68 9.35
N TRP A 473 -32.51 14.32 9.01
CA TRP A 473 -31.22 13.62 8.90
C TRP A 473 -30.96 12.74 10.12
N MET A 474 -30.72 13.37 11.27
CA MET A 474 -30.31 12.62 12.45
C MET A 474 -31.32 11.53 12.77
N LYS A 475 -32.60 11.85 12.59
CA LYS A 475 -33.64 10.87 12.84
C LYS A 475 -33.31 9.54 12.20
N LYS A 476 -33.17 9.52 10.87
CA LYS A 476 -32.99 8.22 10.21
C LYS A 476 -31.68 7.59 10.64
N TRP A 477 -30.69 8.41 11.00
CA TRP A 477 -29.47 7.89 11.59
C TRP A 477 -29.81 6.88 12.67
N TRP A 478 -30.51 7.33 13.71
CA TRP A 478 -30.90 6.39 14.75
C TRP A 478 -31.95 5.42 14.24
N GLU A 479 -32.80 5.86 13.33
CA GLU A 479 -33.79 4.95 12.77
C GLU A 479 -33.11 3.94 11.85
N MET A 480 -31.80 4.08 11.64
CA MET A 480 -31.04 2.99 11.04
C MET A 480 -30.38 2.14 12.11
N LYS A 481 -29.84 2.78 13.16
CA LYS A 481 -29.09 2.05 14.17
C LYS A 481 -29.95 0.99 14.85
N ARG A 482 -31.27 1.17 14.84
CA ARG A 482 -32.13 0.23 15.54
C ARG A 482 -32.57 -0.91 14.63
N GLU A 483 -32.44 -0.76 13.32
CA GLU A 483 -32.83 -1.84 12.43
C GLU A 483 -31.63 -2.64 11.93
N ILE A 484 -30.44 -2.05 11.95
CA ILE A 484 -29.23 -2.72 11.51
C ILE A 484 -28.38 -3.15 12.69
N VAL A 485 -27.92 -2.19 13.50
CA VAL A 485 -26.98 -2.50 14.57
C VAL A 485 -27.66 -2.81 15.88
N GLY A 486 -28.80 -2.21 16.16
CA GLY A 486 -29.49 -2.50 17.40
C GLY A 486 -28.88 -1.81 18.60
N VAL A 487 -28.62 -0.51 18.47
CA VAL A 487 -28.11 0.30 19.57
C VAL A 487 -28.97 1.54 19.68
N VAL A 488 -29.48 1.81 20.87
CA VAL A 488 -30.43 2.91 21.08
C VAL A 488 -29.73 4.02 21.84
N GLU A 489 -30.19 5.25 21.66
CA GLU A 489 -29.45 6.39 22.16
C GLU A 489 -29.90 6.75 23.57
N PRO A 490 -28.99 6.97 24.50
CA PRO A 490 -29.39 7.22 25.89
C PRO A 490 -29.98 8.61 26.13
N VAL A 491 -29.52 9.59 25.38
CA VAL A 491 -30.07 10.95 25.46
C VAL A 491 -30.81 11.23 24.16
N PRO A 492 -32.06 11.69 24.20
CA PRO A 492 -32.77 12.04 22.96
C PRO A 492 -32.10 13.21 22.26
N HIS A 493 -31.88 13.07 20.96
CA HIS A 493 -31.29 14.12 20.14
C HIS A 493 -32.26 14.57 19.05
N ASP A 494 -32.35 15.90 18.90
CA ASP A 494 -33.05 16.51 17.79
C ASP A 494 -32.07 16.80 16.65
N GLU A 495 -32.45 17.67 15.72
CA GLU A 495 -31.64 17.95 14.54
C GLU A 495 -30.46 18.87 14.85
N THR A 496 -30.40 19.44 16.05
CA THR A 496 -29.31 20.33 16.42
C THR A 496 -28.05 19.57 16.81
N TYR A 497 -28.14 18.25 16.93
CA TYR A 497 -26.97 17.42 17.15
C TYR A 497 -26.49 16.83 15.84
N CYS A 498 -25.23 16.41 15.81
CA CYS A 498 -24.69 15.69 14.67
C CYS A 498 -23.63 14.72 15.20
N ASP A 499 -24.05 13.49 15.49
CA ASP A 499 -23.09 12.51 15.94
C ASP A 499 -22.25 11.86 14.83
N PRO A 500 -22.73 11.66 13.60
CA PRO A 500 -21.88 10.95 12.65
C PRO A 500 -20.67 11.73 12.26
N ALA A 501 -20.71 13.06 12.41
CA ALA A 501 -19.58 13.89 12.04
C ALA A 501 -18.47 13.80 13.07
N SER A 502 -18.72 13.12 14.19
CA SER A 502 -17.72 13.09 15.25
C SER A 502 -16.58 12.14 14.93
N LEU A 503 -16.88 11.04 14.26
CA LEU A 503 -15.86 10.04 13.96
C LEU A 503 -14.76 10.66 13.09
N PHE A 504 -13.54 10.17 13.28
CA PHE A 504 -12.39 10.74 12.58
C PHE A 504 -12.50 10.53 11.08
N HIS A 505 -12.97 9.36 10.65
CA HIS A 505 -13.01 9.09 9.22
C HIS A 505 -14.04 9.96 8.50
N VAL A 506 -15.17 10.21 9.13
CA VAL A 506 -16.23 10.99 8.48
C VAL A 506 -15.89 12.48 8.53
N SER A 507 -15.23 12.91 9.60
CA SER A 507 -14.95 14.33 9.77
C SER A 507 -13.89 14.81 8.79
N ASN A 508 -13.02 13.91 8.33
CA ASN A 508 -11.88 14.30 7.52
C ASN A 508 -11.89 13.68 6.13
N ASP A 509 -13.07 13.47 5.54
CA ASP A 509 -13.27 12.99 4.17
C ASP A 509 -12.41 11.79 3.78
N TYR A 510 -12.67 10.64 4.39
CA TYR A 510 -12.15 9.37 3.91
C TYR A 510 -13.32 8.47 3.54
N SER A 511 -13.07 7.54 2.62
CA SER A 511 -14.07 6.52 2.32
C SER A 511 -14.13 5.52 3.46
N PHE A 512 -15.18 4.68 3.47
CA PHE A 512 -15.39 3.81 4.61
C PHE A 512 -15.82 2.39 4.27
N ILE A 513 -16.26 2.11 3.04
CA ILE A 513 -16.64 0.74 2.66
C ILE A 513 -15.45 -0.18 2.49
N ARG A 514 -14.24 0.38 2.51
CA ARG A 514 -13.06 -0.44 2.35
C ARG A 514 -12.98 -1.49 3.45
N TYR A 515 -13.52 -1.18 4.63
CA TYR A 515 -13.44 -2.13 5.73
C TYR A 515 -14.37 -3.32 5.52
N TYR A 516 -15.58 -3.08 5.06
CA TYR A 516 -16.48 -4.16 4.72
C TYR A 516 -15.89 -5.06 3.65
N THR A 517 -15.50 -4.46 2.52
CA THR A 517 -14.96 -5.29 1.44
C THR A 517 -13.68 -5.97 1.87
N ARG A 518 -12.91 -5.33 2.75
CA ARG A 518 -11.68 -5.92 3.25
C ARG A 518 -11.98 -7.19 4.02
N THR A 519 -12.95 -7.14 4.94
CA THR A 519 -13.31 -8.32 5.70
C THR A 519 -13.69 -9.47 4.77
N LEU A 520 -14.55 -9.18 3.80
CA LEU A 520 -15.02 -10.26 2.95
C LEU A 520 -13.89 -10.84 2.09
N TYR A 521 -13.11 -9.99 1.41
CA TYR A 521 -11.99 -10.47 0.62
C TYR A 521 -11.00 -11.22 1.48
N GLN A 522 -10.83 -10.80 2.72
CA GLN A 522 -9.88 -11.43 3.62
C GLN A 522 -10.24 -12.88 3.85
N PHE A 523 -11.49 -13.14 4.21
CA PHE A 523 -11.84 -14.52 4.50
C PHE A 523 -11.95 -15.35 3.23
N GLN A 524 -12.29 -14.73 2.10
CA GLN A 524 -12.27 -15.47 0.85
C GLN A 524 -10.85 -15.91 0.48
N PHE A 525 -9.89 -15.00 0.61
CA PHE A 525 -8.49 -15.35 0.36
C PHE A 525 -8.03 -16.47 1.27
N GLN A 526 -8.37 -16.38 2.56
CA GLN A 526 -7.95 -17.43 3.49
C GLN A 526 -8.52 -18.78 3.08
N GLU A 527 -9.82 -18.82 2.76
CA GLU A 527 -10.43 -20.10 2.39
C GLU A 527 -9.76 -20.68 1.15
N ALA A 528 -9.57 -19.86 0.12
CA ALA A 528 -8.96 -20.37 -1.11
C ALA A 528 -7.54 -20.87 -0.86
N LEU A 529 -6.70 -20.05 -0.21
CA LEU A 529 -5.32 -20.45 0.00
C LEU A 529 -5.24 -21.73 0.81
N CYS A 530 -5.81 -21.74 2.03
CA CYS A 530 -5.65 -22.93 2.85
C CYS A 530 -6.66 -24.00 2.48
N GLN A 531 -7.31 -23.87 1.31
CA GLN A 531 -7.80 -25.06 0.62
C GLN A 531 -6.74 -25.63 -0.30
N ALA A 532 -6.12 -24.79 -1.11
CA ALA A 532 -5.07 -25.27 -2.01
C ALA A 532 -3.83 -25.70 -1.24
N ALA A 533 -3.72 -25.29 0.01
CA ALA A 533 -2.56 -25.62 0.83
C ALA A 533 -2.70 -26.95 1.56
N LYS A 534 -3.66 -27.79 1.16
CA LYS A 534 -3.77 -29.15 1.68
C LYS A 534 -4.09 -29.15 3.18
N HIS A 535 -5.18 -28.49 3.56
CA HIS A 535 -5.59 -28.42 4.95
C HIS A 535 -7.03 -28.89 5.10
N GLU A 536 -7.26 -29.84 6.00
CA GLU A 536 -8.60 -30.27 6.37
C GLU A 536 -8.84 -29.97 7.84
N GLY A 537 -10.10 -29.73 8.19
CA GLY A 537 -10.48 -29.43 9.56
C GLY A 537 -11.20 -28.12 9.68
N PRO A 538 -11.35 -27.63 10.90
CA PRO A 538 -11.90 -26.28 11.08
C PRO A 538 -10.98 -25.26 10.45
N LEU A 539 -11.54 -24.22 9.84
CA LEU A 539 -10.72 -23.38 8.98
C LEU A 539 -9.84 -22.44 9.79
N HIS A 540 -10.22 -22.14 11.04
CA HIS A 540 -9.42 -21.19 11.82
C HIS A 540 -8.14 -21.82 12.35
N LYS A 541 -7.88 -23.08 11.99
CA LYS A 541 -6.61 -23.69 12.35
C LYS A 541 -5.63 -23.72 11.17
N CYS A 542 -6.03 -23.24 10.01
CA CYS A 542 -5.20 -23.45 8.83
C CYS A 542 -4.06 -22.44 8.78
N ASP A 543 -2.88 -22.94 8.43
CA ASP A 543 -1.66 -22.15 8.38
C ASP A 543 -0.96 -22.46 7.07
N ILE A 544 -0.49 -21.42 6.38
CA ILE A 544 0.12 -21.59 5.08
C ILE A 544 1.64 -21.59 5.14
N SER A 545 2.21 -21.87 6.31
CA SER A 545 3.66 -21.98 6.40
C SER A 545 4.11 -23.23 5.65
N ASN A 546 5.16 -23.09 4.85
CA ASN A 546 5.69 -24.21 4.06
C ASN A 546 4.77 -24.74 2.97
N SER A 547 4.18 -23.87 2.17
CA SER A 547 3.36 -24.31 1.04
C SER A 547 3.55 -23.34 -0.11
N THR A 548 4.48 -23.67 -1.01
CA THR A 548 4.78 -22.79 -2.13
C THR A 548 3.65 -22.77 -3.15
N GLU A 549 2.85 -23.83 -3.19
CA GLU A 549 1.70 -23.88 -4.07
C GLU A 549 0.78 -22.68 -3.86
N ALA A 550 0.45 -22.38 -2.59
CA ALA A 550 -0.39 -21.22 -2.32
C ALA A 550 0.37 -19.92 -2.53
N GLY A 551 1.67 -19.94 -2.29
CA GLY A 551 2.46 -18.74 -2.50
C GLY A 551 2.42 -18.25 -3.92
N GLN A 552 2.57 -19.15 -4.89
CA GLN A 552 2.52 -18.72 -6.28
C GLN A 552 1.12 -18.29 -6.67
N LYS A 553 0.09 -18.92 -6.11
CA LYS A 553 -1.27 -18.51 -6.41
C LYS A 553 -1.55 -17.11 -5.87
N LEU A 554 -0.87 -16.73 -4.80
CA LEU A 554 -1.01 -15.36 -4.31
C LEU A 554 -0.19 -14.38 -5.13
N PHE A 555 1.00 -14.80 -5.56
CA PHE A 555 1.86 -13.90 -6.32
C PHE A 555 1.26 -13.59 -7.69
N ASN A 556 0.53 -14.55 -8.27
CA ASN A 556 -0.09 -14.29 -9.56
C ASN A 556 -1.26 -13.33 -9.44
N MET A 557 -1.61 -12.94 -8.20
CA MET A 557 -2.54 -11.84 -8.02
C MET A 557 -1.81 -10.56 -7.59
N LEU A 558 -0.73 -10.72 -6.84
CA LEU A 558 -0.02 -9.53 -6.38
C LEU A 558 0.69 -8.71 -7.45
N ARG A 559 1.27 -9.38 -8.45
CA ARG A 559 2.11 -8.67 -9.40
C ARG A 559 1.32 -7.81 -10.40
N LEU A 560 0.01 -7.97 -10.40
CA LEU A 560 -0.81 -7.34 -11.44
C LEU A 560 -0.90 -5.86 -11.06
N GLY A 561 -1.23 -5.57 -9.81
CA GLY A 561 -1.49 -4.18 -9.46
C GLY A 561 -2.81 -3.74 -10.05
N LYS A 562 -2.89 -2.49 -10.46
CA LYS A 562 -4.08 -1.97 -11.11
C LYS A 562 -4.08 -2.24 -12.61
N SER A 563 -3.33 -3.24 -13.07
CA SER A 563 -3.17 -3.46 -14.50
C SER A 563 -4.44 -3.95 -15.16
N GLU A 564 -5.21 -4.79 -14.48
CA GLU A 564 -6.38 -5.43 -15.05
C GLU A 564 -7.47 -5.45 -13.99
N PRO A 565 -8.74 -5.63 -14.39
CA PRO A 565 -9.84 -5.43 -13.45
C PRO A 565 -9.70 -6.29 -12.21
N TRP A 566 -10.18 -5.76 -11.08
CA TRP A 566 -10.10 -6.52 -9.84
C TRP A 566 -10.96 -7.76 -9.88
N THR A 567 -11.96 -7.79 -10.76
CA THR A 567 -12.79 -8.98 -10.89
C THR A 567 -11.95 -10.18 -11.32
N LEU A 568 -11.06 -9.97 -12.30
CA LEU A 568 -10.17 -11.05 -12.69
C LEU A 568 -9.08 -11.29 -11.66
N ALA A 569 -8.61 -10.22 -11.01
CA ALA A 569 -7.59 -10.37 -9.99
C ALA A 569 -8.09 -11.23 -8.84
N LEU A 570 -9.39 -11.22 -8.62
CA LEU A 570 -9.99 -12.04 -7.57
C LEU A 570 -10.36 -13.41 -8.09
N GLU A 571 -10.80 -13.48 -9.35
CA GLU A 571 -11.18 -14.76 -9.92
C GLU A 571 -9.97 -15.67 -10.09
N ASN A 572 -8.79 -15.08 -10.21
CA ASN A 572 -7.57 -15.87 -10.28
C ASN A 572 -7.38 -16.71 -9.03
N VAL A 573 -7.71 -16.14 -7.87
CA VAL A 573 -7.26 -16.74 -6.62
C VAL A 573 -8.40 -17.45 -5.89
N VAL A 574 -9.62 -16.96 -6.00
CA VAL A 574 -10.73 -17.56 -5.26
C VAL A 574 -11.64 -18.40 -6.14
N GLY A 575 -11.54 -18.29 -7.45
CA GLY A 575 -12.50 -18.96 -8.31
C GLY A 575 -13.85 -18.31 -8.37
N ALA A 576 -13.94 -17.01 -8.18
CA ALA A 576 -15.22 -16.31 -8.18
C ALA A 576 -15.00 -14.85 -8.54
N LYS A 577 -16.08 -14.21 -8.98
CA LYS A 577 -16.01 -12.88 -9.55
C LYS A 577 -16.68 -11.82 -8.70
N ASN A 578 -17.05 -12.14 -7.47
CA ASN A 578 -17.70 -11.17 -6.61
C ASN A 578 -17.46 -11.55 -5.16
N MET A 579 -17.58 -10.56 -4.27
CA MET A 579 -17.35 -10.82 -2.86
C MET A 579 -18.50 -11.66 -2.29
N ASN A 580 -18.13 -12.74 -1.61
CA ASN A 580 -19.08 -13.72 -1.10
C ASN A 580 -18.77 -13.96 0.37
N VAL A 581 -19.81 -14.34 1.13
CA VAL A 581 -19.70 -14.45 2.58
C VAL A 581 -19.57 -15.87 3.08
N ARG A 582 -19.67 -16.87 2.22
CA ARG A 582 -19.58 -18.26 2.68
C ARG A 582 -18.27 -18.57 3.40
N PRO A 583 -17.11 -18.09 2.95
CA PRO A 583 -15.92 -18.28 3.79
C PRO A 583 -16.04 -17.69 5.19
N LEU A 584 -16.61 -16.49 5.31
CA LEU A 584 -16.71 -15.86 6.62
C LEU A 584 -17.66 -16.63 7.52
N LEU A 585 -18.83 -17.00 7.02
CA LEU A 585 -19.77 -17.77 7.82
C LEU A 585 -19.23 -19.15 8.13
N ASN A 586 -18.35 -19.67 7.28
CA ASN A 586 -17.73 -20.96 7.56
C ASN A 586 -16.70 -20.83 8.67
N TYR A 587 -15.97 -19.72 8.70
CA TYR A 587 -14.95 -19.53 9.72
C TYR A 587 -15.56 -19.46 11.12
N PHE A 588 -16.80 -19.02 11.22
CA PHE A 588 -17.46 -18.81 12.50
C PHE A 588 -18.51 -19.86 12.81
N GLU A 589 -18.50 -20.99 12.11
CA GLU A 589 -19.49 -22.04 12.40
C GLU A 589 -19.25 -22.74 13.73
N PRO A 590 -18.02 -23.03 14.15
CA PRO A 590 -17.82 -23.52 15.52
C PRO A 590 -18.33 -22.55 16.59
N LEU A 591 -18.43 -21.26 16.28
CA LEU A 591 -19.05 -20.35 17.22
C LEU A 591 -20.56 -20.35 17.08
N PHE A 592 -21.05 -20.53 15.85
CA PHE A 592 -22.49 -20.53 15.64
C PHE A 592 -23.14 -21.70 16.36
N THR A 593 -22.51 -22.87 16.30
CA THR A 593 -23.07 -24.04 16.95
C THR A 593 -23.19 -23.86 18.45
N TRP A 594 -22.22 -23.18 19.05
CA TRP A 594 -22.26 -22.99 20.50
C TRP A 594 -23.24 -21.89 20.89
N LEU A 595 -23.32 -20.83 20.07
CA LEU A 595 -24.25 -19.75 20.37
C LEU A 595 -25.68 -20.24 20.30
N LYS A 596 -26.00 -21.12 19.36
CA LYS A 596 -27.39 -21.55 19.24
C LYS A 596 -27.84 -22.25 20.53
N ASP A 597 -26.97 -23.05 21.13
CA ASP A 597 -27.34 -23.76 22.35
C ASP A 597 -27.30 -22.85 23.57
N GLN A 598 -26.33 -21.93 23.63
CA GLN A 598 -26.28 -20.99 24.73
C GLN A 598 -27.50 -20.08 24.74
N ASN A 599 -28.07 -19.81 23.58
CA ASN A 599 -29.28 -19.02 23.46
C ASN A 599 -30.52 -19.86 23.21
N LYS A 600 -30.43 -21.17 23.41
CA LYS A 600 -31.59 -22.04 23.28
C LYS A 600 -32.76 -21.58 24.14
N ASN A 601 -32.50 -20.83 25.21
CA ASN A 601 -33.54 -20.38 26.11
C ASN A 601 -33.73 -18.87 26.14
N SER A 602 -32.75 -18.10 25.69
CA SER A 602 -32.84 -16.66 25.83
C SER A 602 -33.50 -16.03 24.61
N PHE A 603 -33.84 -14.76 24.74
CA PHE A 603 -34.49 -14.04 23.65
C PHE A 603 -33.47 -13.65 22.60
N VAL A 604 -33.69 -14.08 21.36
CA VAL A 604 -32.84 -13.74 20.24
C VAL A 604 -33.50 -12.59 19.49
N GLY A 605 -32.69 -11.66 19.03
CA GLY A 605 -33.17 -10.52 18.28
C GLY A 605 -33.46 -9.35 19.19
N TRP A 606 -34.10 -8.34 18.61
CA TRP A 606 -34.45 -7.15 19.36
C TRP A 606 -35.61 -6.47 18.67
N SER A 607 -36.35 -5.69 19.44
CA SER A 607 -37.44 -4.87 18.93
C SER A 607 -37.15 -3.41 19.18
N THR A 608 -37.63 -2.56 18.27
CA THR A 608 -37.41 -1.12 18.37
C THR A 608 -38.32 -0.50 19.41
N ASP A 609 -39.17 -1.29 20.06
CA ASP A 609 -40.18 -0.77 20.96
C ASP A 609 -39.64 -0.47 22.35
N TRP A 610 -38.35 -0.64 22.57
CA TRP A 610 -37.74 -0.34 23.86
C TRP A 610 -37.02 0.99 23.81
N SER A 611 -36.79 1.57 24.98
CA SER A 611 -36.05 2.81 25.10
C SER A 611 -35.26 2.77 26.40
N PRO A 612 -34.09 3.40 26.44
CA PRO A 612 -33.35 3.50 27.70
C PRO A 612 -33.76 4.67 28.57
N TYR A 613 -34.46 5.66 28.01
CA TYR A 613 -34.94 6.78 28.80
C TYR A 613 -36.46 6.94 28.73
N THR B 15 55.98 -7.72 -25.15
CA THR B 15 56.67 -6.48 -25.50
C THR B 15 56.37 -5.41 -24.46
N ASN B 16 55.09 -5.12 -24.27
CA ASN B 16 54.63 -4.08 -23.35
C ASN B 16 53.30 -4.50 -22.75
N LEU B 17 53.21 -4.52 -21.42
CA LEU B 17 51.92 -4.72 -20.78
C LEU B 17 51.07 -3.47 -20.93
N CYS B 18 49.90 -3.62 -21.56
CA CYS B 18 49.12 -2.47 -21.99
C CYS B 18 48.10 -2.06 -20.94
N PRO B 19 47.72 -0.78 -20.92
CA PRO B 19 47.05 -0.20 -19.75
C PRO B 19 45.57 -0.54 -19.66
N PHE B 20 45.27 -1.69 -19.09
CA PHE B 20 43.92 -1.93 -18.61
C PHE B 20 43.59 -1.01 -17.45
N GLY B 21 44.59 -0.40 -16.83
CA GLY B 21 44.35 0.44 -15.67
C GLY B 21 43.78 1.79 -16.03
N GLU B 22 43.97 2.23 -17.27
CA GLU B 22 43.44 3.52 -17.67
C GLU B 22 41.99 3.39 -18.10
N VAL B 23 41.53 2.16 -18.34
CA VAL B 23 40.14 1.94 -18.71
C VAL B 23 39.33 1.47 -17.51
N PHE B 24 39.87 0.53 -16.73
CA PHE B 24 39.12 -0.02 -15.61
C PHE B 24 39.20 0.90 -14.40
N ASN B 25 40.38 1.35 -14.00
CA ASN B 25 40.47 2.15 -12.77
C ASN B 25 40.59 3.62 -13.07
N ALA B 26 39.86 4.07 -14.07
CA ALA B 26 39.89 5.47 -14.45
C ALA B 26 39.30 6.34 -13.37
N THR B 27 39.66 7.63 -13.40
CA THR B 27 39.12 8.57 -12.43
C THR B 27 37.74 9.07 -12.82
N THR B 28 37.40 9.03 -14.11
CA THR B 28 36.11 9.50 -14.58
C THR B 28 35.62 8.58 -15.69
N PHE B 29 34.29 8.45 -15.77
CA PHE B 29 33.66 7.71 -16.86
C PHE B 29 32.70 8.64 -17.59
N ALA B 30 32.26 8.25 -18.79
CA ALA B 30 31.36 9.05 -19.59
C ALA B 30 29.99 8.37 -19.62
N SER B 31 29.01 9.09 -20.14
CA SER B 31 27.65 8.55 -20.16
C SER B 31 27.49 7.55 -21.29
N VAL B 32 26.24 7.15 -21.53
CA VAL B 32 25.97 6.09 -22.51
C VAL B 32 25.55 6.63 -23.87
N TYR B 33 25.17 7.90 -23.96
CA TYR B 33 24.91 8.48 -25.27
C TYR B 33 26.20 8.90 -25.95
N ALA B 34 27.16 9.41 -25.17
CA ALA B 34 28.50 9.72 -25.67
C ALA B 34 29.46 8.77 -24.98
N TRP B 35 29.63 7.57 -25.54
CA TRP B 35 30.46 6.58 -24.88
C TRP B 35 31.88 6.62 -25.43
N ASN B 36 32.83 6.37 -24.54
CA ASN B 36 34.25 6.53 -24.82
C ASN B 36 34.80 5.24 -25.42
N ARG B 37 35.44 5.36 -26.56
CA ARG B 37 36.02 4.23 -27.27
C ARG B 37 37.52 4.45 -27.41
N LYS B 38 38.31 3.47 -26.99
CA LYS B 38 39.76 3.59 -26.98
C LYS B 38 40.38 2.34 -27.59
N ARG B 39 41.42 2.53 -28.39
CA ARG B 39 42.02 1.47 -29.16
C ARG B 39 43.17 0.83 -28.39
N ILE B 40 43.22 -0.50 -28.37
CA ILE B 40 44.31 -1.23 -27.75
C ILE B 40 45.12 -1.88 -28.86
N SER B 41 46.41 -1.54 -28.93
CA SER B 41 47.26 -2.00 -30.02
C SER B 41 48.68 -2.17 -29.53
N ASN B 42 49.39 -3.08 -30.21
CA ASN B 42 50.78 -3.49 -29.91
C ASN B 42 51.08 -3.56 -28.41
N CYS B 43 50.45 -4.53 -27.76
CA CYS B 43 50.73 -4.79 -26.36
C CYS B 43 50.50 -6.26 -26.09
N VAL B 44 50.91 -6.71 -24.91
CA VAL B 44 50.60 -8.03 -24.40
C VAL B 44 49.65 -7.90 -23.22
N ALA B 45 48.48 -8.51 -23.32
CA ALA B 45 47.44 -8.33 -22.33
C ALA B 45 47.42 -9.49 -21.36
N ASP B 46 46.92 -9.22 -20.15
CA ASP B 46 46.80 -10.23 -19.11
C ASP B 46 45.33 -10.31 -18.72
N TYR B 47 44.58 -11.15 -19.41
CA TYR B 47 43.15 -11.28 -19.14
C TYR B 47 42.87 -12.11 -17.89
N SER B 48 43.87 -12.81 -17.35
CA SER B 48 43.65 -13.57 -16.13
C SER B 48 43.46 -12.63 -14.94
N VAL B 49 44.09 -11.45 -15.00
CA VAL B 49 43.86 -10.45 -13.96
C VAL B 49 42.39 -10.07 -13.91
N LEU B 50 41.78 -9.92 -15.07
CA LEU B 50 40.41 -9.44 -15.14
C LEU B 50 39.42 -10.55 -14.81
N TYR B 51 39.79 -11.80 -15.11
CA TYR B 51 38.80 -12.87 -15.09
C TYR B 51 38.38 -13.24 -13.67
N ASN B 52 39.34 -13.61 -12.83
CA ASN B 52 39.04 -13.98 -11.45
C ASN B 52 39.35 -12.87 -10.47
N SER B 53 39.11 -11.61 -10.83
CA SER B 53 39.34 -10.52 -9.89
C SER B 53 38.26 -10.46 -8.83
N THR B 54 37.12 -11.10 -9.07
CA THR B 54 35.98 -11.17 -8.14
C THR B 54 35.63 -9.79 -7.60
N SER B 55 35.76 -8.78 -8.47
CA SER B 55 35.35 -7.42 -8.14
C SER B 55 34.31 -6.94 -9.15
N PHE B 56 33.93 -7.81 -10.07
CA PHE B 56 33.05 -7.47 -11.18
C PHE B 56 31.73 -8.19 -11.01
N SER B 57 30.64 -7.45 -11.09
CA SER B 57 29.32 -8.05 -10.92
C SER B 57 29.01 -9.03 -12.04
N THR B 58 29.20 -8.61 -13.29
CA THR B 58 28.95 -9.48 -14.43
C THR B 58 30.13 -9.42 -15.39
N PHE B 59 30.50 -10.59 -15.94
CA PHE B 59 31.61 -10.78 -16.85
C PHE B 59 31.19 -11.83 -17.86
N LYS B 60 30.64 -11.40 -18.98
CA LYS B 60 30.00 -12.32 -19.93
C LYS B 60 30.60 -12.13 -21.31
N CYS B 61 31.09 -13.22 -21.90
CA CYS B 61 31.80 -13.17 -23.17
C CYS B 61 31.04 -13.97 -24.22
N TYR B 62 30.75 -13.32 -25.35
CA TYR B 62 30.07 -13.95 -26.48
C TYR B 62 31.10 -14.20 -27.59
N GLY B 63 31.08 -15.39 -28.15
CA GLY B 63 31.92 -15.73 -29.27
C GLY B 63 33.27 -16.31 -28.92
N VAL B 64 33.79 -16.04 -27.73
CA VAL B 64 35.08 -16.55 -27.30
C VAL B 64 34.92 -17.18 -25.92
N SER B 65 35.62 -18.30 -25.73
CA SER B 65 35.42 -18.80 -24.37
C SER B 65 36.32 -18.05 -23.40
N PRO B 66 35.84 -17.80 -22.19
CA PRO B 66 36.59 -16.89 -21.30
C PRO B 66 37.94 -17.44 -20.87
N THR B 67 38.12 -18.76 -20.92
CA THR B 67 39.33 -19.36 -20.39
C THR B 67 40.43 -19.42 -21.45
N LYS B 68 40.05 -19.57 -22.72
CA LYS B 68 41.06 -19.70 -23.76
C LYS B 68 41.43 -18.36 -24.39
N LEU B 69 41.23 -17.24 -23.69
CA LEU B 69 41.42 -15.95 -24.32
C LEU B 69 42.90 -15.63 -24.51
N ASN B 70 43.77 -16.11 -23.63
CA ASN B 70 45.16 -15.70 -23.68
C ASN B 70 45.90 -16.32 -24.86
N ASP B 71 45.53 -17.53 -25.26
CA ASP B 71 46.22 -18.25 -26.32
C ASP B 71 45.73 -17.89 -27.71
N LEU B 72 45.14 -16.69 -27.84
CA LEU B 72 44.60 -16.20 -29.12
C LEU B 72 45.17 -14.81 -29.51
N CYS B 73 45.43 -14.54 -30.80
CA CYS B 73 46.02 -13.26 -31.28
C CYS B 73 45.03 -12.33 -31.98
N PHE B 74 44.90 -11.03 -31.63
CA PHE B 74 43.90 -10.26 -32.39
C PHE B 74 44.42 -9.11 -33.26
N THR B 75 43.71 -8.75 -34.31
CA THR B 75 44.12 -7.66 -35.20
C THR B 75 43.81 -6.30 -34.59
N ASN B 76 42.62 -6.15 -34.01
CA ASN B 76 42.23 -4.87 -33.43
C ASN B 76 41.23 -5.08 -32.30
N VAL B 77 41.51 -4.45 -31.16
CA VAL B 77 40.73 -4.58 -29.94
C VAL B 77 40.30 -3.19 -29.49
N TYR B 78 39.03 -3.04 -29.15
CA TYR B 78 38.47 -1.77 -28.75
C TYR B 78 37.86 -1.89 -27.37
N ALA B 79 37.99 -0.83 -26.57
CA ALA B 79 37.40 -0.78 -25.24
C ALA B 79 36.47 0.41 -25.14
N ASP B 80 35.20 0.15 -24.88
CA ASP B 80 34.19 1.19 -24.74
C ASP B 80 33.72 1.22 -23.29
N SER B 81 33.50 2.41 -22.76
CA SER B 81 33.18 2.57 -21.35
C SER B 81 32.00 3.51 -21.16
N PHE B 82 31.10 3.15 -20.25
CA PHE B 82 30.00 4.05 -19.91
C PHE B 82 29.39 3.64 -18.57
N VAL B 83 28.38 4.39 -18.14
CA VAL B 83 27.68 4.16 -16.89
C VAL B 83 26.20 3.97 -17.19
N VAL B 84 25.63 2.87 -16.68
CA VAL B 84 24.22 2.59 -16.86
C VAL B 84 23.59 2.25 -15.52
N ARG B 85 22.30 1.96 -15.57
CA ARG B 85 21.54 1.58 -14.39
C ARG B 85 21.69 0.09 -14.14
N GLY B 86 21.15 -0.37 -13.02
CA GLY B 86 21.33 -1.76 -12.66
C GLY B 86 20.47 -2.69 -13.49
N ASP B 87 19.24 -2.28 -13.79
CA ASP B 87 18.34 -3.13 -14.56
C ASP B 87 18.78 -3.24 -16.01
N GLU B 88 19.43 -2.21 -16.53
CA GLU B 88 19.68 -2.10 -17.96
C GLU B 88 20.89 -2.90 -18.44
N VAL B 89 21.65 -3.52 -17.54
CA VAL B 89 22.84 -4.23 -17.97
C VAL B 89 22.46 -5.44 -18.83
N ARG B 90 21.26 -5.98 -18.65
CA ARG B 90 20.85 -7.11 -19.48
C ARG B 90 20.56 -6.66 -20.91
N GLN B 91 20.35 -5.36 -21.12
CA GLN B 91 20.12 -4.88 -22.48
C GLN B 91 21.41 -4.73 -23.25
N ILE B 92 22.55 -4.78 -22.57
CA ILE B 92 23.85 -4.78 -23.21
C ILE B 92 24.21 -6.23 -23.50
N ALA B 93 23.72 -6.73 -24.63
CA ALA B 93 23.93 -8.11 -25.07
C ALA B 93 23.41 -8.23 -26.50
N PRO B 94 23.92 -9.17 -27.29
CA PRO B 94 23.42 -9.31 -28.66
C PRO B 94 21.99 -9.83 -28.70
N GLY B 95 21.13 -9.09 -29.40
CA GLY B 95 19.76 -9.50 -29.60
C GLY B 95 18.84 -9.19 -28.44
N GLN B 96 18.78 -7.93 -28.03
CA GLN B 96 17.89 -7.50 -26.97
C GLN B 96 17.29 -6.15 -27.35
N THR B 97 16.19 -5.80 -26.67
CA THR B 97 15.47 -4.57 -26.96
C THR B 97 15.35 -3.74 -25.69
N GLY B 98 15.00 -2.48 -25.87
CA GLY B 98 14.92 -1.53 -24.79
C GLY B 98 15.46 -0.19 -25.23
N LYS B 99 15.36 0.79 -24.35
CA LYS B 99 15.85 2.13 -24.69
C LYS B 99 17.34 2.13 -24.94
N ILE B 100 18.11 1.49 -24.07
CA ILE B 100 19.56 1.50 -24.21
C ILE B 100 19.98 0.73 -25.45
N ALA B 101 19.31 -0.39 -25.74
CA ALA B 101 19.73 -1.22 -26.86
C ALA B 101 19.25 -0.66 -28.19
N ASP B 102 18.21 0.16 -28.16
CA ASP B 102 17.72 0.76 -29.39
C ASP B 102 18.44 2.06 -29.70
N TYR B 103 18.38 3.02 -28.77
CA TYR B 103 18.82 4.39 -29.06
C TYR B 103 20.16 4.74 -28.43
N ASN B 104 20.79 3.86 -27.67
CA ASN B 104 22.03 4.21 -26.99
C ASN B 104 23.23 3.38 -27.44
N TYR B 105 23.17 2.06 -27.29
CA TYR B 105 24.33 1.21 -27.57
C TYR B 105 23.83 -0.10 -28.16
N LYS B 106 24.18 -0.34 -29.43
CA LYS B 106 23.69 -1.49 -30.17
C LYS B 106 24.84 -2.45 -30.43
N LEU B 107 24.79 -3.59 -29.81
CA LEU B 107 25.72 -4.65 -30.13
C LEU B 107 25.16 -5.51 -31.26
N PRO B 108 25.97 -5.87 -32.24
CA PRO B 108 25.47 -6.64 -33.37
C PRO B 108 25.02 -8.03 -32.94
N ASP B 109 24.39 -8.72 -33.88
CA ASP B 109 23.88 -10.07 -33.64
C ASP B 109 24.99 -11.12 -33.80
N ASP B 110 26.20 -10.65 -34.10
CA ASP B 110 27.34 -11.55 -34.27
C ASP B 110 28.51 -11.12 -33.41
N PHE B 111 28.30 -10.35 -32.35
CA PHE B 111 29.34 -9.72 -31.55
C PHE B 111 30.34 -10.72 -31.00
N THR B 112 31.63 -10.45 -31.23
CA THR B 112 32.70 -11.28 -30.71
C THR B 112 33.46 -10.48 -29.67
N GLY B 113 33.19 -10.72 -28.40
CA GLY B 113 33.84 -9.96 -27.35
C GLY B 113 33.13 -10.11 -26.03
N CYS B 114 33.56 -9.31 -25.07
CA CYS B 114 33.14 -9.45 -23.68
C CYS B 114 32.47 -8.17 -23.18
N VAL B 115 31.58 -8.35 -22.21
CA VAL B 115 30.88 -7.26 -21.54
C VAL B 115 31.13 -7.42 -20.05
N ILE B 116 31.62 -6.36 -19.41
CA ILE B 116 31.92 -6.35 -17.98
C ILE B 116 31.14 -5.21 -17.36
N ALA B 117 30.57 -5.44 -16.19
CA ALA B 117 29.90 -4.38 -15.46
C ALA B 117 30.04 -4.62 -13.97
N TRP B 118 30.36 -3.56 -13.24
CA TRP B 118 30.51 -3.68 -11.79
C TRP B 118 29.91 -2.47 -11.09
N ASN B 119 29.53 -2.69 -9.83
CA ASN B 119 28.83 -1.69 -9.06
C ASN B 119 29.77 -0.58 -8.63
N SER B 120 29.26 0.64 -8.63
CA SER B 120 30.05 1.82 -8.35
C SER B 120 29.28 2.78 -7.46
N ASN B 121 28.46 2.25 -6.56
CA ASN B 121 27.69 3.10 -5.66
C ASN B 121 28.61 3.88 -4.74
N ASN B 122 29.75 3.29 -4.39
CA ASN B 122 30.72 3.98 -3.55
C ASN B 122 31.28 5.20 -4.26
N LEU B 123 31.42 5.11 -5.59
CA LEU B 123 32.10 6.16 -6.33
C LEU B 123 31.11 7.10 -7.01
N ASP B 124 30.06 6.55 -7.64
CA ASP B 124 29.23 7.28 -8.58
C ASP B 124 27.96 7.86 -7.97
N SER B 125 27.75 7.72 -6.67
CA SER B 125 26.56 8.22 -6.00
C SER B 125 26.95 9.20 -4.92
N LYS B 126 26.04 10.12 -4.60
CA LYS B 126 26.30 11.13 -3.59
C LYS B 126 25.03 11.43 -2.83
N VAL B 127 25.18 12.05 -1.66
CA VAL B 127 24.03 12.60 -0.96
C VAL B 127 23.41 13.70 -1.81
N GLY B 128 22.08 13.79 -1.76
CA GLY B 128 21.36 14.69 -2.63
C GLY B 128 21.23 14.22 -4.05
N GLY B 129 21.89 13.14 -4.43
CA GLY B 129 21.82 12.62 -5.77
C GLY B 129 22.98 13.08 -6.63
N ASN B 130 23.15 12.42 -7.77
CA ASN B 130 24.21 12.75 -8.72
C ASN B 130 23.61 12.72 -10.12
N TYR B 131 23.35 13.90 -10.69
CA TYR B 131 22.77 14.01 -12.01
C TYR B 131 23.86 14.52 -12.94
N ASN B 132 24.72 13.62 -13.41
CA ASN B 132 25.72 13.97 -14.40
C ASN B 132 25.89 12.84 -15.41
N TYR B 133 25.10 11.79 -15.27
CA TYR B 133 25.08 10.71 -16.23
C TYR B 133 23.75 10.71 -16.96
N LEU B 134 23.81 10.84 -18.28
CA LEU B 134 22.65 11.19 -19.09
C LEU B 134 22.39 10.06 -20.08
N TYR B 135 21.16 10.01 -20.59
CA TYR B 135 20.81 9.01 -21.59
C TYR B 135 19.68 9.52 -22.47
N ARG B 136 19.68 9.07 -23.72
CA ARG B 136 18.71 9.52 -24.72
C ARG B 136 17.52 8.56 -24.72
N LEU B 137 16.31 9.11 -24.75
CA LEU B 137 15.11 8.31 -24.55
C LEU B 137 14.29 8.13 -25.82
N PHE B 138 14.28 9.11 -26.70
CA PHE B 138 13.49 9.06 -27.93
C PHE B 138 14.41 9.12 -29.13
N ARG B 139 13.91 8.66 -30.28
CA ARG B 139 14.63 8.77 -31.53
C ARG B 139 13.67 8.43 -32.66
N LYS B 140 14.16 8.57 -33.89
CA LYS B 140 13.35 8.28 -35.06
C LYS B 140 13.65 6.92 -35.68
N SER B 141 14.72 6.25 -35.25
CA SER B 141 15.05 4.93 -35.77
C SER B 141 15.94 4.20 -34.77
N ASN B 142 16.11 2.91 -35.00
CA ASN B 142 17.03 2.10 -34.22
C ASN B 142 18.41 2.10 -34.88
N LEU B 143 19.44 2.18 -34.05
CA LEU B 143 20.81 2.24 -34.57
C LEU B 143 21.26 0.86 -35.02
N LYS B 144 22.07 0.85 -36.06
CA LYS B 144 22.74 -0.36 -36.47
C LYS B 144 24.08 -0.47 -35.77
N PRO B 145 24.61 -1.68 -35.61
CA PRO B 145 25.70 -1.91 -34.64
C PRO B 145 26.80 -0.88 -34.54
N PHE B 146 27.18 -0.57 -33.30
CA PHE B 146 28.37 0.22 -32.98
C PHE B 146 28.30 1.62 -33.56
N GLU B 147 27.15 2.26 -33.44
CA GLU B 147 26.99 3.63 -33.87
C GLU B 147 26.81 4.53 -32.66
N ARG B 148 27.23 5.79 -32.78
CA ARG B 148 27.09 6.75 -31.72
C ARG B 148 26.28 7.94 -32.22
N ASP B 149 25.32 8.37 -31.42
CA ASP B 149 24.57 9.59 -31.70
C ASP B 149 24.76 10.55 -30.54
N ILE B 150 25.33 11.71 -30.84
CA ILE B 150 25.56 12.77 -29.86
C ILE B 150 24.64 13.96 -30.10
N SER B 151 23.73 13.85 -31.06
CA SER B 151 22.89 14.97 -31.43
C SER B 151 21.96 15.35 -30.30
N THR B 152 21.67 16.64 -30.19
CA THR B 152 20.87 17.19 -29.10
C THR B 152 19.70 17.96 -29.72
N GLU B 153 19.21 17.52 -30.88
CA GLU B 153 18.01 18.13 -31.45
C GLU B 153 16.69 17.74 -30.81
N ILE B 154 15.68 18.57 -30.96
CA ILE B 154 14.43 18.43 -30.21
C ILE B 154 13.67 17.41 -31.05
N TYR B 155 13.13 16.40 -30.37
CA TYR B 155 12.38 15.33 -31.02
C TYR B 155 10.89 15.62 -30.96
N GLN B 156 10.27 15.79 -32.12
CA GLN B 156 8.83 15.93 -32.21
C GLN B 156 8.21 14.54 -32.17
N ALA B 157 7.12 14.39 -31.42
CA ALA B 157 6.46 13.11 -31.34
C ALA B 157 5.37 12.92 -32.38
N GLY B 158 4.73 14.00 -32.78
CA GLY B 158 3.59 13.94 -33.67
C GLY B 158 3.90 14.43 -35.07
N SER B 159 3.17 15.46 -35.51
CA SER B 159 3.35 16.01 -36.82
C SER B 159 3.29 17.54 -36.87
N THR B 160 3.06 18.20 -35.75
CA THR B 160 3.03 19.66 -35.81
C THR B 160 4.41 20.22 -35.46
N PRO B 161 4.88 21.23 -36.20
CA PRO B 161 6.22 21.78 -35.94
C PRO B 161 6.22 22.59 -34.65
N CYS B 162 7.41 22.67 -34.05
CA CYS B 162 7.62 23.47 -32.85
C CYS B 162 8.85 24.37 -32.99
N ASN B 163 9.56 24.26 -34.11
CA ASN B 163 10.59 25.23 -34.49
C ASN B 163 11.69 25.41 -33.46
N GLY B 164 12.35 24.32 -33.09
CA GLY B 164 13.50 24.42 -32.20
C GLY B 164 13.19 24.85 -30.78
N VAL B 165 11.92 24.90 -30.39
CA VAL B 165 11.54 25.24 -29.03
C VAL B 165 10.50 24.22 -28.57
N GLU B 166 10.66 23.73 -27.34
CA GLU B 166 9.79 22.71 -26.79
C GLU B 166 8.38 23.22 -26.59
N GLY B 167 7.48 22.28 -26.29
CA GLY B 167 6.08 22.59 -26.09
C GLY B 167 5.24 21.33 -26.01
N PHE B 168 4.17 21.29 -26.80
CA PHE B 168 3.31 20.13 -26.90
C PHE B 168 3.82 19.23 -28.01
N ASN B 169 3.98 17.95 -27.69
CA ASN B 169 4.47 16.90 -28.59
C ASN B 169 5.89 17.14 -29.04
N CYS B 170 6.62 18.06 -28.42
CA CYS B 170 8.04 18.23 -28.67
C CYS B 170 8.78 18.17 -27.34
N TYR B 171 9.73 17.25 -27.23
CA TYR B 171 10.47 17.03 -26.00
C TYR B 171 11.96 17.06 -26.27
N PHE B 172 12.73 17.34 -25.23
CA PHE B 172 14.16 17.12 -25.29
C PHE B 172 14.46 15.63 -25.29
N PRO B 173 15.42 15.16 -26.10
CA PRO B 173 15.64 13.71 -26.17
C PRO B 173 16.43 13.17 -24.99
N LEU B 174 17.30 13.98 -24.42
CA LEU B 174 18.16 13.52 -23.33
C LEU B 174 17.48 13.72 -21.98
N GLN B 175 17.65 12.73 -21.10
CA GLN B 175 17.12 12.78 -19.75
C GLN B 175 18.19 12.25 -18.82
N SER B 176 18.24 12.81 -17.61
CA SER B 176 19.37 12.62 -16.70
C SER B 176 19.04 11.55 -15.67
N TYR B 177 20.04 10.72 -15.34
CA TYR B 177 19.92 9.77 -14.24
C TYR B 177 19.91 10.50 -12.91
N GLY B 178 19.29 9.89 -11.91
CA GLY B 178 19.44 10.33 -10.54
C GLY B 178 19.92 9.19 -9.67
N PHE B 179 21.13 9.33 -9.15
CA PHE B 179 21.81 8.29 -8.39
C PHE B 179 21.94 8.73 -6.94
N HIS B 180 21.16 8.11 -6.06
CA HIS B 180 21.18 8.36 -4.63
C HIS B 180 21.85 7.19 -3.93
N PRO B 181 22.42 7.41 -2.74
CA PRO B 181 23.10 6.29 -2.07
C PRO B 181 22.14 5.23 -1.59
N THR B 182 20.86 5.57 -1.45
CA THR B 182 19.87 4.71 -0.81
C THR B 182 19.04 3.90 -1.79
N ASN B 183 19.24 4.06 -3.10
CA ASN B 183 18.42 3.34 -4.06
C ASN B 183 18.68 1.86 -3.99
N GLY B 184 17.77 1.08 -4.57
CA GLY B 184 17.91 -0.35 -4.60
C GLY B 184 18.97 -0.79 -5.58
N VAL B 185 19.18 -2.11 -5.63
CA VAL B 185 20.18 -2.67 -6.52
C VAL B 185 19.87 -2.33 -7.97
N GLY B 186 18.59 -2.36 -8.33
CA GLY B 186 18.22 -2.17 -9.71
C GLY B 186 18.40 -0.75 -10.20
N TYR B 187 18.36 0.21 -9.30
CA TYR B 187 18.46 1.62 -9.68
C TYR B 187 19.78 2.25 -9.29
N GLN B 188 20.81 1.47 -9.12
CA GLN B 188 22.14 1.86 -8.70
C GLN B 188 23.09 1.93 -9.89
N PRO B 189 24.14 2.75 -9.80
CA PRO B 189 25.05 2.90 -10.93
C PRO B 189 25.91 1.66 -11.14
N TYR B 190 26.09 1.31 -12.41
CA TYR B 190 27.02 0.27 -12.81
C TYR B 190 27.92 0.80 -13.89
N ARG B 191 29.23 0.61 -13.73
CA ARG B 191 30.20 0.96 -14.74
C ARG B 191 30.39 -0.23 -15.67
N VAL B 192 30.26 0.01 -16.98
CA VAL B 192 30.29 -1.03 -17.98
C VAL B 192 31.46 -0.77 -18.92
N VAL B 193 32.25 -1.80 -19.18
CA VAL B 193 33.30 -1.79 -20.19
C VAL B 193 33.00 -2.91 -21.16
N VAL B 194 32.93 -2.58 -22.44
CA VAL B 194 32.67 -3.54 -23.50
C VAL B 194 33.94 -3.66 -24.33
N LEU B 195 34.51 -4.87 -24.35
CA LEU B 195 35.69 -5.19 -25.13
C LEU B 195 35.24 -5.83 -26.43
N SER B 196 35.53 -5.19 -27.54
CA SER B 196 35.18 -5.69 -28.86
C SER B 196 36.44 -6.16 -29.57
N PHE B 197 36.45 -7.41 -30.00
CA PHE B 197 37.56 -8.02 -30.70
C PHE B 197 37.21 -8.13 -32.18
N GLU B 198 38.19 -7.92 -33.05
CA GLU B 198 38.00 -8.25 -34.47
C GLU B 198 39.23 -8.96 -35.00
N LEU B 199 39.01 -10.05 -35.73
CA LEU B 199 40.10 -10.89 -36.20
C LEU B 199 39.96 -11.10 -37.69
N LEU B 200 40.99 -10.74 -38.43
CA LEU B 200 41.01 -10.84 -39.89
C LEU B 200 42.46 -11.05 -40.33
N ASN B 201 42.73 -10.87 -41.62
CA ASN B 201 44.00 -11.31 -42.20
C ASN B 201 45.11 -10.27 -42.16
N ALA B 202 45.03 -9.26 -41.29
CA ALA B 202 46.10 -8.29 -41.18
C ALA B 202 47.13 -8.73 -40.15
N PRO B 203 48.21 -7.98 -39.97
CA PRO B 203 49.13 -8.26 -38.85
C PRO B 203 48.44 -8.09 -37.51
N ALA B 204 49.08 -8.64 -36.47
CA ALA B 204 48.46 -8.72 -35.16
C ALA B 204 48.78 -7.48 -34.33
N THR B 205 48.01 -7.29 -33.25
CA THR B 205 48.26 -6.20 -32.33
C THR B 205 48.23 -6.56 -30.85
N VAL B 206 47.37 -7.47 -30.43
CA VAL B 206 47.26 -7.80 -29.03
C VAL B 206 47.37 -9.29 -28.92
N CYS B 207 48.54 -9.78 -28.50
CA CYS B 207 48.68 -11.21 -28.26
C CYS B 207 49.12 -11.44 -26.82
N GLY B 208 48.23 -11.95 -25.98
CA GLY B 208 48.53 -12.13 -24.57
C GLY B 208 49.63 -13.13 -24.24
#